data_195D
# 
_entry.id   195D 
# 
_audit_conform.dict_name       mmcif_pdbx.dic 
_audit_conform.dict_version    5.385 
_audit_conform.dict_location   http://mmcif.pdb.org/dictionaries/ascii/mmcif_pdbx.dic 
# 
loop_
_database_2.database_id 
_database_2.database_code 
_database_2.pdbx_database_accession 
_database_2.pdbx_DOI 
PDB   195D         pdb_0000195d 10.2210/pdb195d/pdb 
RCSB  GDL030       ?            ?                   
WWPDB D_1000170211 ?            ?                   
# 
loop_
_pdbx_audit_revision_history.ordinal 
_pdbx_audit_revision_history.data_content_type 
_pdbx_audit_revision_history.major_revision 
_pdbx_audit_revision_history.minor_revision 
_pdbx_audit_revision_history.revision_date 
1 'Structure model' 1 0 1995-02-07 
2 'Structure model' 1 1 2008-05-22 
3 'Structure model' 1 2 2011-07-13 
4 'Structure model' 1 3 2024-02-07 
# 
_pdbx_audit_revision_details.ordinal             1 
_pdbx_audit_revision_details.revision_ordinal    1 
_pdbx_audit_revision_details.data_content_type   'Structure model' 
_pdbx_audit_revision_details.provider            repository 
_pdbx_audit_revision_details.type                'Initial release' 
_pdbx_audit_revision_details.description         ? 
_pdbx_audit_revision_details.details             ? 
# 
loop_
_pdbx_audit_revision_group.ordinal 
_pdbx_audit_revision_group.revision_ordinal 
_pdbx_audit_revision_group.data_content_type 
_pdbx_audit_revision_group.group 
1 2 'Structure model' 'Version format compliance' 
2 3 'Structure model' 'Version format compliance' 
3 4 'Structure model' 'Data collection'           
4 4 'Structure model' 'Database references'       
5 4 'Structure model' 'Derived calculations'      
# 
loop_
_pdbx_audit_revision_category.ordinal 
_pdbx_audit_revision_category.revision_ordinal 
_pdbx_audit_revision_category.data_content_type 
_pdbx_audit_revision_category.category 
1 4 'Structure model' chem_comp_atom 
2 4 'Structure model' chem_comp_bond 
3 4 'Structure model' database_2     
4 4 'Structure model' struct_site    
# 
loop_
_pdbx_audit_revision_item.ordinal 
_pdbx_audit_revision_item.revision_ordinal 
_pdbx_audit_revision_item.data_content_type 
_pdbx_audit_revision_item.item 
1 4 'Structure model' '_database_2.pdbx_DOI'                
2 4 'Structure model' '_database_2.pdbx_database_accession' 
3 4 'Structure model' '_struct_site.pdbx_auth_asym_id'      
4 4 'Structure model' '_struct_site.pdbx_auth_comp_id'      
5 4 'Structure model' '_struct_site.pdbx_auth_seq_id'       
# 
_pdbx_database_status.status_code                     REL 
_pdbx_database_status.entry_id                        195D 
_pdbx_database_status.recvd_initial_deposition_date   1994-10-04 
_pdbx_database_status.deposit_site                    BNL 
_pdbx_database_status.process_site                    NDB 
_pdbx_database_status.status_code_sf                  REL 
_pdbx_database_status.status_code_mr                  ? 
_pdbx_database_status.SG_entry                        ? 
_pdbx_database_status.pdb_format_compatible           Y 
_pdbx_database_status.status_code_cs                  ? 
_pdbx_database_status.status_code_nmr_data            ? 
_pdbx_database_status.methods_development_category    ? 
# 
loop_
_audit_author.name 
_audit_author.pdbx_ordinal 
'Balendiran, K.'    1 
'Rao, S.T.'         2 
'Sekharudu, C.Y.'   3 
'Zon, G.'           4 
'Sundaralingam, M.' 5 
# 
_citation.id                        primary 
_citation.title                     
'X-ray structures of the B-DNA dodecamer d(CGCGTTAACGCG) with an inverted central tetranucleotide and its netropsin complex.' 
_citation.journal_abbrev            'Acta Crystallogr.,Sect.D' 
_citation.journal_volume            51 
_citation.page_first                190 
_citation.page_last                 198 
_citation.year                      1995 
_citation.journal_id_ASTM           ABCRE6 
_citation.country                   DK 
_citation.journal_id_ISSN           0907-4449 
_citation.journal_id_CSD            0766 
_citation.book_publisher            ? 
_citation.pdbx_database_id_PubMed   15299320 
_citation.pdbx_database_id_DOI      10.1107/S0907444994010759 
# 
loop_
_citation_author.citation_id 
_citation_author.name 
_citation_author.ordinal 
_citation_author.identifier_ORCID 
primary 'Balendiran, K.'    1 ? 
primary 'Rao, S.T.'         2 ? 
primary 'Sekharudu, C.Y.'   3 ? 
primary 'Zon, G.'           4 ? 
primary 'Sundaralingam, M.' 5 ? 
# 
loop_
_entity.id 
_entity.type 
_entity.src_method 
_entity.pdbx_description 
_entity.formula_weight 
_entity.pdbx_number_of_molecules 
_entity.pdbx_ec 
_entity.pdbx_mutation 
_entity.pdbx_fragment 
_entity.details 
1 polymer     syn 
;DNA (5'-D(*CP*GP*CP*GP*TP*TP*AP*AP*CP*GP*CP*G)-3')
;
3663.392 2  ? ? ? ? 
2 non-polymer syn NETROPSIN                                            430.464  1  ? ? ? ? 
3 water       nat water                                                18.015   87 ? ? ? ? 
# 
_entity_poly.entity_id                      1 
_entity_poly.type                           polydeoxyribonucleotide 
_entity_poly.nstd_linkage                   no 
_entity_poly.nstd_monomer                   no 
_entity_poly.pdbx_seq_one_letter_code       '(DC)(DG)(DC)(DG)(DT)(DT)(DA)(DA)(DC)(DG)(DC)(DG)' 
_entity_poly.pdbx_seq_one_letter_code_can   CGCGTTAACGCG 
_entity_poly.pdbx_strand_id                 A,B 
_entity_poly.pdbx_target_identifier         ? 
# 
loop_
_pdbx_entity_nonpoly.entity_id 
_pdbx_entity_nonpoly.name 
_pdbx_entity_nonpoly.comp_id 
2 NETROPSIN NT  
3 water     HOH 
# 
loop_
_entity_poly_seq.entity_id 
_entity_poly_seq.num 
_entity_poly_seq.mon_id 
_entity_poly_seq.hetero 
1 1  DC n 
1 2  DG n 
1 3  DC n 
1 4  DG n 
1 5  DT n 
1 6  DT n 
1 7  DA n 
1 8  DA n 
1 9  DC n 
1 10 DG n 
1 11 DC n 
1 12 DG n 
# 
loop_
_chem_comp.id 
_chem_comp.type 
_chem_comp.mon_nstd_flag 
_chem_comp.name 
_chem_comp.pdbx_synonyms 
_chem_comp.formula 
_chem_comp.formula_weight 
DA  'DNA linking' y "2'-DEOXYADENOSINE-5'-MONOPHOSPHATE" ? 'C10 H14 N5 O6 P' 331.222 
DC  'DNA linking' y "2'-DEOXYCYTIDINE-5'-MONOPHOSPHATE"  ? 'C9 H14 N3 O7 P'  307.197 
DG  'DNA linking' y "2'-DEOXYGUANOSINE-5'-MONOPHOSPHATE" ? 'C10 H14 N5 O7 P' 347.221 
DT  'DNA linking' y "THYMIDINE-5'-MONOPHOSPHATE"         ? 'C10 H15 N2 O8 P' 322.208 
HOH non-polymer   . WATER                                ? 'H2 O'            18.015  
NT  non-polymer   . NETROPSIN                            ? 'C18 H26 N10 O3'  430.464 
# 
loop_
_pdbx_poly_seq_scheme.asym_id 
_pdbx_poly_seq_scheme.entity_id 
_pdbx_poly_seq_scheme.seq_id 
_pdbx_poly_seq_scheme.mon_id 
_pdbx_poly_seq_scheme.ndb_seq_num 
_pdbx_poly_seq_scheme.pdb_seq_num 
_pdbx_poly_seq_scheme.auth_seq_num 
_pdbx_poly_seq_scheme.pdb_mon_id 
_pdbx_poly_seq_scheme.auth_mon_id 
_pdbx_poly_seq_scheme.pdb_strand_id 
_pdbx_poly_seq_scheme.pdb_ins_code 
_pdbx_poly_seq_scheme.hetero 
A 1 1  DC 1  1  1  DC C A . n 
A 1 2  DG 2  2  2  DG G A . n 
A 1 3  DC 3  3  3  DC C A . n 
A 1 4  DG 4  4  4  DG G A . n 
A 1 5  DT 5  5  5  DT T A . n 
A 1 6  DT 6  6  6  DT T A . n 
A 1 7  DA 7  7  7  DA A A . n 
A 1 8  DA 8  8  8  DA A A . n 
A 1 9  DC 9  9  9  DC C A . n 
A 1 10 DG 10 10 10 DG G A . n 
A 1 11 DC 11 11 11 DC C A . n 
A 1 12 DG 12 12 12 DG G A . n 
B 1 1  DC 1  13 13 DC C B . n 
B 1 2  DG 2  14 14 DG G B . n 
B 1 3  DC 3  15 15 DC C B . n 
B 1 4  DG 4  16 16 DG G B . n 
B 1 5  DT 5  17 17 DT T B . n 
B 1 6  DT 6  18 18 DT T B . n 
B 1 7  DA 7  19 19 DA A B . n 
B 1 8  DA 8  20 20 DA A B . n 
B 1 9  DC 9  21 21 DC C B . n 
B 1 10 DG 10 22 22 DG G B . n 
B 1 11 DC 11 23 23 DC C B . n 
B 1 12 DG 12 24 24 DG G B . n 
# 
loop_
_pdbx_nonpoly_scheme.asym_id 
_pdbx_nonpoly_scheme.entity_id 
_pdbx_nonpoly_scheme.mon_id 
_pdbx_nonpoly_scheme.ndb_seq_num 
_pdbx_nonpoly_scheme.pdb_seq_num 
_pdbx_nonpoly_scheme.auth_seq_num 
_pdbx_nonpoly_scheme.pdb_mon_id 
_pdbx_nonpoly_scheme.auth_mon_id 
_pdbx_nonpoly_scheme.pdb_strand_id 
_pdbx_nonpoly_scheme.pdb_ins_code 
C 2 NT  1  25  25  NT  NT  B . 
D 3 HOH 1  26  26  HOH HOH A . 
D 3 HOH 2  27  27  HOH HOH A . 
D 3 HOH 3  28  28  HOH HOH A . 
D 3 HOH 4  29  29  HOH HOH A . 
D 3 HOH 5  30  30  HOH HOH A . 
D 3 HOH 6  31  31  HOH HOH A . 
D 3 HOH 7  33  33  HOH HOH A . 
D 3 HOH 8  34  34  HOH HOH A . 
D 3 HOH 9  35  35  HOH HOH A . 
D 3 HOH 10 37  37  HOH HOH A . 
D 3 HOH 11 38  38  HOH HOH A . 
D 3 HOH 12 41  41  HOH HOH A . 
D 3 HOH 13 47  47  HOH HOH A . 
D 3 HOH 14 49  49  HOH HOH A . 
D 3 HOH 15 50  50  HOH HOH A . 
D 3 HOH 16 53  53  HOH HOH A . 
D 3 HOH 17 54  54  HOH HOH A . 
D 3 HOH 18 55  55  HOH HOH A . 
D 3 HOH 19 56  56  HOH HOH A . 
D 3 HOH 20 58  58  HOH HOH A . 
D 3 HOH 21 60  60  HOH HOH A . 
D 3 HOH 22 61  61  HOH HOH A . 
D 3 HOH 23 65  65  HOH HOH A . 
D 3 HOH 24 68  68  HOH HOH A . 
D 3 HOH 25 69  69  HOH HOH A . 
D 3 HOH 26 71  71  HOH HOH A . 
D 3 HOH 27 75  75  HOH HOH A . 
D 3 HOH 28 82  82  HOH HOH A . 
D 3 HOH 29 85  85  HOH HOH A . 
D 3 HOH 30 87  87  HOH HOH A . 
D 3 HOH 31 91  91  HOH HOH A . 
D 3 HOH 32 92  92  HOH HOH A . 
D 3 HOH 33 95  95  HOH HOH A . 
D 3 HOH 34 98  98  HOH HOH A . 
D 3 HOH 35 100 100 HOH HOH A . 
D 3 HOH 36 103 103 HOH HOH A . 
D 3 HOH 37 104 104 HOH HOH A . 
D 3 HOH 38 106 106 HOH HOH A . 
D 3 HOH 39 107 107 HOH HOH A . 
D 3 HOH 40 110 110 HOH HOH A . 
D 3 HOH 41 112 112 HOH HOH A . 
E 3 HOH 1  32  32  HOH HOH B . 
E 3 HOH 2  36  36  HOH HOH B . 
E 3 HOH 3  39  39  HOH HOH B . 
E 3 HOH 4  40  40  HOH HOH B . 
E 3 HOH 5  42  42  HOH HOH B . 
E 3 HOH 6  43  43  HOH HOH B . 
E 3 HOH 7  44  44  HOH HOH B . 
E 3 HOH 8  45  45  HOH HOH B . 
E 3 HOH 9  46  46  HOH HOH B . 
E 3 HOH 10 48  48  HOH HOH B . 
E 3 HOH 11 51  51  HOH HOH B . 
E 3 HOH 12 52  52  HOH HOH B . 
E 3 HOH 13 57  57  HOH HOH B . 
E 3 HOH 14 59  59  HOH HOH B . 
E 3 HOH 15 62  62  HOH HOH B . 
E 3 HOH 16 63  63  HOH HOH B . 
E 3 HOH 17 64  64  HOH HOH B . 
E 3 HOH 18 66  66  HOH HOH B . 
E 3 HOH 19 67  67  HOH HOH B . 
E 3 HOH 20 70  70  HOH HOH B . 
E 3 HOH 21 72  72  HOH HOH B . 
E 3 HOH 22 73  73  HOH HOH B . 
E 3 HOH 23 74  74  HOH HOH B . 
E 3 HOH 24 76  76  HOH HOH B . 
E 3 HOH 25 77  77  HOH HOH B . 
E 3 HOH 26 78  78  HOH HOH B . 
E 3 HOH 27 79  79  HOH HOH B . 
E 3 HOH 28 80  80  HOH HOH B . 
E 3 HOH 29 81  81  HOH HOH B . 
E 3 HOH 30 83  83  HOH HOH B . 
E 3 HOH 31 84  84  HOH HOH B . 
E 3 HOH 32 86  86  HOH HOH B . 
E 3 HOH 33 88  88  HOH HOH B . 
E 3 HOH 34 89  89  HOH HOH B . 
E 3 HOH 35 90  90  HOH HOH B . 
E 3 HOH 36 93  93  HOH HOH B . 
E 3 HOH 37 94  94  HOH HOH B . 
E 3 HOH 38 96  96  HOH HOH B . 
E 3 HOH 39 97  97  HOH HOH B . 
E 3 HOH 40 99  99  HOH HOH B . 
E 3 HOH 41 101 101 HOH HOH B . 
E 3 HOH 42 102 102 HOH HOH B . 
E 3 HOH 43 105 105 HOH HOH B . 
E 3 HOH 44 108 108 HOH HOH B . 
E 3 HOH 45 109 109 HOH HOH B . 
E 3 HOH 46 111 111 HOH HOH B . 
# 
_software.name             X-PLOR 
_software.classification   refinement 
_software.version          . 
_software.citation_id      ? 
_software.pdbx_ordinal     1 
# 
_cell.entry_id           195D 
_cell.length_a           25.490 
_cell.length_b           40.870 
_cell.length_c           67.019 
_cell.angle_alpha        90.00 
_cell.angle_beta         90.00 
_cell.angle_gamma        90.00 
_cell.Z_PDB              8 
_cell.pdbx_unique_axis   ? 
# 
_symmetry.entry_id                         195D 
_symmetry.space_group_name_H-M             'P 21 21 21' 
_symmetry.pdbx_full_space_group_name_H-M   ? 
_symmetry.cell_setting                     ? 
_symmetry.Int_Tables_number                19 
# 
_exptl.entry_id          195D 
_exptl.method            'X-RAY DIFFRACTION' 
_exptl.crystals_number   ? 
# 
_exptl_crystal.id                    1 
_exptl_crystal.density_meas          ? 
_exptl_crystal.density_Matthews      2.38 
_exptl_crystal.density_percent_sol   48.37 
_exptl_crystal.description           ? 
# 
_exptl_crystal_grow.crystal_id      1 
_exptl_crystal_grow.method          'VAPOR DIFFUSION' 
_exptl_crystal_grow.temp            282.00 
_exptl_crystal_grow.temp_details    ? 
_exptl_crystal_grow.pH              7.50 
_exptl_crystal_grow.pdbx_details    'pH 7.50, VAPOR DIFFUSION, temperature 282.00K' 
_exptl_crystal_grow.pdbx_pH_range   ? 
# 
loop_
_exptl_crystal_grow_comp.crystal_id 
_exptl_crystal_grow_comp.id 
_exptl_crystal_grow_comp.sol_id 
_exptl_crystal_grow_comp.name 
_exptl_crystal_grow_comp.volume 
_exptl_crystal_grow_comp.conc 
_exptl_crystal_grow_comp.details 
1 1 1 WATER        ? ? ? 
1 2 1 MPD          ? ? ? 
1 3 1 MGCL2        ? ? ? 
1 4 1 SPERMINE_HCL ? ? ? 
1 5 2 WATER        ? ? ? 
1 6 2 MPD          ? ? ? 
# 
_diffrn.id                     1 
_diffrn.ambient_temp           258.00 
_diffrn.ambient_temp_details   ? 
_diffrn.crystal_id             1 
# 
_diffrn_detector.diffrn_id              1 
_diffrn_detector.detector               'AREA DETECTOR' 
_diffrn_detector.type                   ? 
_diffrn_detector.pdbx_collection_date   ? 
_diffrn_detector.details                ? 
# 
_diffrn_radiation.diffrn_id                        1 
_diffrn_radiation.wavelength_id                    1 
_diffrn_radiation.pdbx_monochromatic_or_laue_m_l   ? 
_diffrn_radiation.monochromator                    ? 
_diffrn_radiation.pdbx_diffrn_protocol             ? 
_diffrn_radiation.pdbx_scattering_type             x-ray 
# 
_diffrn_radiation_wavelength.id           1 
_diffrn_radiation_wavelength.wavelength   . 
_diffrn_radiation_wavelength.wt           1.0 
# 
_diffrn_source.diffrn_id                   1 
_diffrn_source.source                      'ROTATING ANODE' 
_diffrn_source.type                        'RIGAKU RU200' 
_diffrn_source.pdbx_synchrotron_site       ? 
_diffrn_source.pdbx_synchrotron_beamline   ? 
_diffrn_source.pdbx_wavelength             ? 
_diffrn_source.pdbx_wavelength_list        ? 
# 
_reflns.entry_id                     195D 
_reflns.observed_criterion_sigma_I   ? 
_reflns.observed_criterion_sigma_F   ? 
_reflns.d_resolution_low             ? 
_reflns.d_resolution_high            2.300 
_reflns.number_obs                   2725 
_reflns.number_all                   ? 
_reflns.percent_possible_obs         ? 
_reflns.pdbx_Rmerge_I_obs            ? 
_reflns.pdbx_Rsym_value              ? 
_reflns.pdbx_netI_over_sigmaI        ? 
_reflns.B_iso_Wilson_estimate        ? 
_reflns.pdbx_redundancy              ? 
_reflns.pdbx_diffrn_id               1 
_reflns.pdbx_ordinal                 1 
# 
_refine.entry_id                                 195D 
_refine.ls_number_reflns_obs                     2420 
_refine.ls_number_reflns_all                     ? 
_refine.pdbx_ls_sigma_I                          ? 
_refine.pdbx_ls_sigma_F                          2.000 
_refine.pdbx_data_cutoff_high_absF               ? 
_refine.pdbx_data_cutoff_low_absF                ? 
_refine.pdbx_data_cutoff_high_rms_absF           ? 
_refine.ls_d_res_low                             6.000 
_refine.ls_d_res_high                            2.300 
_refine.ls_percent_reflns_obs                    ? 
_refine.ls_R_factor_obs                          0.1620000 
_refine.ls_R_factor_all                          ? 
_refine.ls_R_factor_R_work                       0.1620000 
_refine.ls_R_factor_R_free                       ? 
_refine.ls_R_factor_R_free_error                 ? 
_refine.ls_R_factor_R_free_error_details         ? 
_refine.ls_percent_reflns_R_free                 ? 
_refine.ls_number_reflns_R_free                  ? 
_refine.ls_number_parameters                     ? 
_refine.ls_number_restraints                     ? 
_refine.occupancy_min                            ? 
_refine.occupancy_max                            ? 
_refine.B_iso_mean                               ? 
_refine.aniso_B[1][1]                            ? 
_refine.aniso_B[2][2]                            ? 
_refine.aniso_B[3][3]                            ? 
_refine.aniso_B[1][2]                            ? 
_refine.aniso_B[1][3]                            ? 
_refine.aniso_B[2][3]                            ? 
_refine.solvent_model_details                    ? 
_refine.solvent_model_param_ksol                 ? 
_refine.solvent_model_param_bsol                 ? 
_refine.pdbx_ls_cross_valid_method               ? 
_refine.details                                  ? 
_refine.pdbx_starting_model                      ? 
_refine.pdbx_method_to_determine_struct          ? 
_refine.pdbx_isotropic_thermal_model             ? 
_refine.pdbx_stereochemistry_target_values       ? 
_refine.pdbx_stereochem_target_val_spec_case     ? 
_refine.pdbx_R_Free_selection_details            ? 
_refine.pdbx_overall_ESU_R                       ? 
_refine.pdbx_overall_ESU_R_Free                  ? 
_refine.overall_SU_ML                            ? 
_refine.overall_SU_B                             ? 
_refine.pdbx_refine_id                           'X-RAY DIFFRACTION' 
_refine.pdbx_diffrn_id                           1 
_refine.pdbx_TLS_residual_ADP_flag               ? 
_refine.correlation_coeff_Fo_to_Fc               ? 
_refine.correlation_coeff_Fo_to_Fc_free          ? 
_refine.pdbx_solvent_vdw_probe_radii             ? 
_refine.pdbx_solvent_ion_probe_radii             ? 
_refine.pdbx_solvent_shrinkage_radii             ? 
_refine.pdbx_overall_phase_error                 ? 
_refine.overall_SU_R_Cruickshank_DPI             ? 
_refine.pdbx_overall_SU_R_free_Cruickshank_DPI   ? 
_refine.pdbx_overall_SU_R_Blow_DPI               ? 
_refine.pdbx_overall_SU_R_free_Blow_DPI          ? 
# 
_refine_hist.pdbx_refine_id                   'X-RAY DIFFRACTION' 
_refine_hist.cycle_id                         LAST 
_refine_hist.pdbx_number_atoms_protein        0 
_refine_hist.pdbx_number_atoms_nucleic_acid   486 
_refine_hist.pdbx_number_atoms_ligand         31 
_refine_hist.number_atoms_solvent             87 
_refine_hist.number_atoms_total               604 
_refine_hist.d_res_high                       2.300 
_refine_hist.d_res_low                        6.000 
# 
loop_
_refine_ls_restr.type 
_refine_ls_restr.dev_ideal 
_refine_ls_restr.dev_ideal_target 
_refine_ls_restr.weight 
_refine_ls_restr.number 
_refine_ls_restr.pdbx_refine_id 
_refine_ls_restr.pdbx_restraint_function 
x_bond_d                0.015 ? ? ? 'X-RAY DIFFRACTION' ? 
x_bond_d_na             ?     ? ? ? 'X-RAY DIFFRACTION' ? 
x_bond_d_prot           ?     ? ? ? 'X-RAY DIFFRACTION' ? 
x_angle_d               ?     ? ? ? 'X-RAY DIFFRACTION' ? 
x_angle_d_na            ?     ? ? ? 'X-RAY DIFFRACTION' ? 
x_angle_d_prot          ?     ? ? ? 'X-RAY DIFFRACTION' ? 
x_angle_deg             3.60  ? ? ? 'X-RAY DIFFRACTION' ? 
x_angle_deg_na          ?     ? ? ? 'X-RAY DIFFRACTION' ? 
x_angle_deg_prot        ?     ? ? ? 'X-RAY DIFFRACTION' ? 
x_dihedral_angle_d      ?     ? ? ? 'X-RAY DIFFRACTION' ? 
x_dihedral_angle_d_na   ?     ? ? ? 'X-RAY DIFFRACTION' ? 
x_dihedral_angle_d_prot ?     ? ? ? 'X-RAY DIFFRACTION' ? 
x_improper_angle_d      ?     ? ? ? 'X-RAY DIFFRACTION' ? 
x_improper_angle_d_na   ?     ? ? ? 'X-RAY DIFFRACTION' ? 
x_improper_angle_d_prot ?     ? ? ? 'X-RAY DIFFRACTION' ? 
x_mcbond_it             ?     ? ? ? 'X-RAY DIFFRACTION' ? 
x_mcangle_it            ?     ? ? ? 'X-RAY DIFFRACTION' ? 
x_scbond_it             ?     ? ? ? 'X-RAY DIFFRACTION' ? 
x_scangle_it            ?     ? ? ? 'X-RAY DIFFRACTION' ? 
# 
_struct.entry_id                  195D 
_struct.title                     
'X-RAY STRUCTURES OF THE B-DNA DODECAMER D(CGCGTTAACGCG) WITH AN INVERTED CENTRAL TETRANUCLEOTIDE AND ITS NETROPSIN COMPLEX' 
_struct.pdbx_model_details        ? 
_struct.pdbx_CASP_flag            ? 
_struct.pdbx_model_type_details   ? 
# 
_struct_keywords.entry_id        195D 
_struct_keywords.pdbx_keywords   DNA 
_struct_keywords.text            'B-DNA, DOUBLE HELIX, COMPLEXED WITH DRUG, DNA' 
# 
loop_
_struct_asym.id 
_struct_asym.pdbx_blank_PDB_chainid_flag 
_struct_asym.pdbx_modified 
_struct_asym.entity_id 
_struct_asym.details 
A N N 1 ? 
B N N 1 ? 
C N N 2 ? 
D N N 3 ? 
E N N 3 ? 
# 
_struct_ref.id                         1 
_struct_ref.entity_id                  1 
_struct_ref.db_name                    PDB 
_struct_ref.db_code                    195D 
_struct_ref.pdbx_db_accession          195D 
_struct_ref.pdbx_db_isoform            ? 
_struct_ref.pdbx_seq_one_letter_code   ? 
_struct_ref.pdbx_align_begin           ? 
# 
loop_
_struct_ref_seq.align_id 
_struct_ref_seq.ref_id 
_struct_ref_seq.pdbx_PDB_id_code 
_struct_ref_seq.pdbx_strand_id 
_struct_ref_seq.seq_align_beg 
_struct_ref_seq.pdbx_seq_align_beg_ins_code 
_struct_ref_seq.seq_align_end 
_struct_ref_seq.pdbx_seq_align_end_ins_code 
_struct_ref_seq.pdbx_db_accession 
_struct_ref_seq.db_align_beg 
_struct_ref_seq.pdbx_db_align_beg_ins_code 
_struct_ref_seq.db_align_end 
_struct_ref_seq.pdbx_db_align_end_ins_code 
_struct_ref_seq.pdbx_auth_seq_align_beg 
_struct_ref_seq.pdbx_auth_seq_align_end 
1 1 195D A 1 ? 12 ? 195D 1  ? 12 ? 1  12 
2 1 195D B 1 ? 12 ? 195D 13 ? 24 ? 13 24 
# 
_pdbx_struct_assembly.id                   1 
_pdbx_struct_assembly.details              author_defined_assembly 
_pdbx_struct_assembly.method_details       ? 
_pdbx_struct_assembly.oligomeric_details   dimeric 
_pdbx_struct_assembly.oligomeric_count     2 
# 
_pdbx_struct_assembly_gen.assembly_id       1 
_pdbx_struct_assembly_gen.oper_expression   1 
_pdbx_struct_assembly_gen.asym_id_list      A,B,C,D,E 
# 
_pdbx_struct_oper_list.id                   1 
_pdbx_struct_oper_list.type                 'identity operation' 
_pdbx_struct_oper_list.name                 1_555 
_pdbx_struct_oper_list.symmetry_operation   x,y,z 
_pdbx_struct_oper_list.matrix[1][1]         1.0000000000 
_pdbx_struct_oper_list.matrix[1][2]         0.0000000000 
_pdbx_struct_oper_list.matrix[1][3]         0.0000000000 
_pdbx_struct_oper_list.vector[1]            0.0000000000 
_pdbx_struct_oper_list.matrix[2][1]         0.0000000000 
_pdbx_struct_oper_list.matrix[2][2]         1.0000000000 
_pdbx_struct_oper_list.matrix[2][3]         0.0000000000 
_pdbx_struct_oper_list.vector[2]            0.0000000000 
_pdbx_struct_oper_list.matrix[3][1]         0.0000000000 
_pdbx_struct_oper_list.matrix[3][2]         0.0000000000 
_pdbx_struct_oper_list.matrix[3][3]         1.0000000000 
_pdbx_struct_oper_list.vector[3]            0.0000000000 
# 
_struct_biol.id   1 
# 
loop_
_struct_conn.id 
_struct_conn.conn_type_id 
_struct_conn.pdbx_leaving_atom_flag 
_struct_conn.pdbx_PDB_id 
_struct_conn.ptnr1_label_asym_id 
_struct_conn.ptnr1_label_comp_id 
_struct_conn.ptnr1_label_seq_id 
_struct_conn.ptnr1_label_atom_id 
_struct_conn.pdbx_ptnr1_label_alt_id 
_struct_conn.pdbx_ptnr1_PDB_ins_code 
_struct_conn.pdbx_ptnr1_standard_comp_id 
_struct_conn.ptnr1_symmetry 
_struct_conn.ptnr2_label_asym_id 
_struct_conn.ptnr2_label_comp_id 
_struct_conn.ptnr2_label_seq_id 
_struct_conn.ptnr2_label_atom_id 
_struct_conn.pdbx_ptnr2_label_alt_id 
_struct_conn.pdbx_ptnr2_PDB_ins_code 
_struct_conn.ptnr1_auth_asym_id 
_struct_conn.ptnr1_auth_comp_id 
_struct_conn.ptnr1_auth_seq_id 
_struct_conn.ptnr2_auth_asym_id 
_struct_conn.ptnr2_auth_comp_id 
_struct_conn.ptnr2_auth_seq_id 
_struct_conn.ptnr2_symmetry 
_struct_conn.pdbx_ptnr3_label_atom_id 
_struct_conn.pdbx_ptnr3_label_seq_id 
_struct_conn.pdbx_ptnr3_label_comp_id 
_struct_conn.pdbx_ptnr3_label_asym_id 
_struct_conn.pdbx_ptnr3_label_alt_id 
_struct_conn.pdbx_ptnr3_PDB_ins_code 
_struct_conn.details 
_struct_conn.pdbx_dist_value 
_struct_conn.pdbx_value_order 
_struct_conn.pdbx_role 
hydrog1  hydrog ? ? A DC 1  N3 ? ? ? 1_555 B DG 12 N1 ? ? A DC 1  B DG 24 1_555 ? ? ? ? ? ? WATSON-CRICK ? ? ? 
hydrog2  hydrog ? ? A DC 1  N4 ? ? ? 1_555 B DG 12 O6 ? ? A DC 1  B DG 24 1_555 ? ? ? ? ? ? WATSON-CRICK ? ? ? 
hydrog3  hydrog ? ? A DC 1  O2 ? ? ? 1_555 B DG 12 N2 ? ? A DC 1  B DG 24 1_555 ? ? ? ? ? ? WATSON-CRICK ? ? ? 
hydrog4  hydrog ? ? A DG 2  N1 ? ? ? 1_555 B DC 11 N3 ? ? A DG 2  B DC 23 1_555 ? ? ? ? ? ? WATSON-CRICK ? ? ? 
hydrog5  hydrog ? ? A DG 2  N2 ? ? ? 1_555 B DC 11 O2 ? ? A DG 2  B DC 23 1_555 ? ? ? ? ? ? WATSON-CRICK ? ? ? 
hydrog6  hydrog ? ? A DG 2  O6 ? ? ? 1_555 B DC 11 N4 ? ? A DG 2  B DC 23 1_555 ? ? ? ? ? ? WATSON-CRICK ? ? ? 
hydrog7  hydrog ? ? A DC 3  N3 ? ? ? 1_555 B DG 10 N1 ? ? A DC 3  B DG 22 1_555 ? ? ? ? ? ? WATSON-CRICK ? ? ? 
hydrog8  hydrog ? ? A DC 3  N4 ? ? ? 1_555 B DG 10 O6 ? ? A DC 3  B DG 22 1_555 ? ? ? ? ? ? WATSON-CRICK ? ? ? 
hydrog9  hydrog ? ? A DC 3  O2 ? ? ? 1_555 B DG 10 N2 ? ? A DC 3  B DG 22 1_555 ? ? ? ? ? ? WATSON-CRICK ? ? ? 
hydrog10 hydrog ? ? A DG 4  N1 ? ? ? 1_555 B DC 9  N3 ? ? A DG 4  B DC 21 1_555 ? ? ? ? ? ? WATSON-CRICK ? ? ? 
hydrog11 hydrog ? ? A DG 4  N2 ? ? ? 1_555 B DC 9  O2 ? ? A DG 4  B DC 21 1_555 ? ? ? ? ? ? WATSON-CRICK ? ? ? 
hydrog12 hydrog ? ? A DG 4  O6 ? ? ? 1_555 B DC 9  N4 ? ? A DG 4  B DC 21 1_555 ? ? ? ? ? ? WATSON-CRICK ? ? ? 
hydrog13 hydrog ? ? A DT 5  N3 ? ? ? 1_555 B DA 8  N1 ? ? A DT 5  B DA 20 1_555 ? ? ? ? ? ? WATSON-CRICK ? ? ? 
hydrog14 hydrog ? ? A DT 5  O4 ? ? ? 1_555 B DA 8  N6 ? ? A DT 5  B DA 20 1_555 ? ? ? ? ? ? WATSON-CRICK ? ? ? 
hydrog15 hydrog ? ? A DT 6  N3 ? ? ? 1_555 B DA 7  N1 ? ? A DT 6  B DA 19 1_555 ? ? ? ? ? ? WATSON-CRICK ? ? ? 
hydrog16 hydrog ? ? A DT 6  O4 ? ? ? 1_555 B DA 7  N6 ? ? A DT 6  B DA 19 1_555 ? ? ? ? ? ? WATSON-CRICK ? ? ? 
hydrog17 hydrog ? ? A DA 7  N1 ? ? ? 1_555 B DT 6  N3 ? ? A DA 7  B DT 18 1_555 ? ? ? ? ? ? WATSON-CRICK ? ? ? 
hydrog18 hydrog ? ? A DA 7  N6 ? ? ? 1_555 B DT 6  O4 ? ? A DA 7  B DT 18 1_555 ? ? ? ? ? ? WATSON-CRICK ? ? ? 
hydrog19 hydrog ? ? A DA 8  N1 ? ? ? 1_555 B DT 5  N3 ? ? A DA 8  B DT 17 1_555 ? ? ? ? ? ? WATSON-CRICK ? ? ? 
hydrog20 hydrog ? ? A DA 8  N6 ? ? ? 1_555 B DT 5  O4 ? ? A DA 8  B DT 17 1_555 ? ? ? ? ? ? WATSON-CRICK ? ? ? 
hydrog21 hydrog ? ? A DC 9  N3 ? ? ? 1_555 B DG 4  N1 ? ? A DC 9  B DG 16 1_555 ? ? ? ? ? ? WATSON-CRICK ? ? ? 
hydrog22 hydrog ? ? A DC 9  N4 ? ? ? 1_555 B DG 4  O6 ? ? A DC 9  B DG 16 1_555 ? ? ? ? ? ? WATSON-CRICK ? ? ? 
hydrog23 hydrog ? ? A DC 9  O2 ? ? ? 1_555 B DG 4  N2 ? ? A DC 9  B DG 16 1_555 ? ? ? ? ? ? WATSON-CRICK ? ? ? 
hydrog24 hydrog ? ? A DG 10 N1 ? ? ? 1_555 B DC 3  N3 ? ? A DG 10 B DC 15 1_555 ? ? ? ? ? ? WATSON-CRICK ? ? ? 
hydrog25 hydrog ? ? A DG 10 N2 ? ? ? 1_555 B DC 3  O2 ? ? A DG 10 B DC 15 1_555 ? ? ? ? ? ? WATSON-CRICK ? ? ? 
hydrog26 hydrog ? ? A DG 10 O6 ? ? ? 1_555 B DC 3  N4 ? ? A DG 10 B DC 15 1_555 ? ? ? ? ? ? WATSON-CRICK ? ? ? 
hydrog27 hydrog ? ? A DC 11 N3 ? ? ? 1_555 B DG 2  N1 ? ? A DC 11 B DG 14 1_555 ? ? ? ? ? ? WATSON-CRICK ? ? ? 
hydrog28 hydrog ? ? A DC 11 N4 ? ? ? 1_555 B DG 2  O6 ? ? A DC 11 B DG 14 1_555 ? ? ? ? ? ? WATSON-CRICK ? ? ? 
hydrog29 hydrog ? ? A DC 11 O2 ? ? ? 1_555 B DG 2  N2 ? ? A DC 11 B DG 14 1_555 ? ? ? ? ? ? WATSON-CRICK ? ? ? 
hydrog30 hydrog ? ? A DG 12 N1 ? ? ? 1_555 B DC 1  N3 ? ? A DG 12 B DC 13 1_555 ? ? ? ? ? ? WATSON-CRICK ? ? ? 
hydrog31 hydrog ? ? A DG 12 N2 ? ? ? 1_555 B DC 1  O2 ? ? A DG 12 B DC 13 1_555 ? ? ? ? ? ? WATSON-CRICK ? ? ? 
hydrog32 hydrog ? ? A DG 12 O6 ? ? ? 1_555 B DC 1  N4 ? ? A DG 12 B DC 13 1_555 ? ? ? ? ? ? WATSON-CRICK ? ? ? 
# 
_struct_conn_type.id          hydrog 
_struct_conn_type.criteria    ? 
_struct_conn_type.reference   ? 
# 
loop_
_struct_site.id 
_struct_site.pdbx_evidence_code 
_struct_site.pdbx_auth_asym_id 
_struct_site.pdbx_auth_comp_id 
_struct_site.pdbx_auth_seq_id 
_struct_site.pdbx_auth_ins_code 
_struct_site.pdbx_num_residues 
_struct_site.details 
AC1 Software B NT 25 ? 13 'BINDING SITE FOR RESIDUE NT B 25' 
1   ?        ? ?  ?  ? ?  ?                                  
# 
loop_
_struct_site_gen.id 
_struct_site_gen.site_id 
_struct_site_gen.pdbx_num_res 
_struct_site_gen.label_comp_id 
_struct_site_gen.label_asym_id 
_struct_site_gen.label_seq_id 
_struct_site_gen.pdbx_auth_ins_code 
_struct_site_gen.auth_comp_id 
_struct_site_gen.auth_asym_id 
_struct_site_gen.auth_seq_id 
_struct_site_gen.label_atom_id 
_struct_site_gen.label_alt_id 
_struct_site_gen.symmetry 
_struct_site_gen.details 
1  AC1 13 DG  A 4 ? DG  A 4  . ? 1_555 ? 
2  AC1 13 DT  A 5 ? DT  A 5  . ? 1_555 ? 
3  AC1 13 DT  A 6 ? DT  A 6  . ? 1_555 ? 
4  AC1 13 DA  A 7 ? DA  A 7  . ? 1_555 ? 
5  AC1 13 DA  A 8 ? DA  A 8  . ? 1_555 ? 
6  AC1 13 DC  A 9 ? DC  A 9  . ? 1_555 ? 
7  AC1 13 DG  B 4 ? DG  B 16 . ? 1_555 ? 
8  AC1 13 DT  B 5 ? DT  B 17 . ? 1_555 ? 
9  AC1 13 DT  B 6 ? DT  B 18 . ? 1_555 ? 
10 AC1 13 DA  B 7 ? DA  B 19 . ? 1_555 ? 
11 AC1 13 DA  B 8 ? DA  B 20 . ? 1_555 ? 
12 AC1 13 DC  B 9 ? DC  B 21 . ? 1_555 ? 
13 AC1 13 HOH E . ? HOH B 97 . ? 1_555 ? 
# 
loop_
_pdbx_validate_rmsd_bond.id 
_pdbx_validate_rmsd_bond.PDB_model_num 
_pdbx_validate_rmsd_bond.auth_atom_id_1 
_pdbx_validate_rmsd_bond.auth_asym_id_1 
_pdbx_validate_rmsd_bond.auth_comp_id_1 
_pdbx_validate_rmsd_bond.auth_seq_id_1 
_pdbx_validate_rmsd_bond.PDB_ins_code_1 
_pdbx_validate_rmsd_bond.label_alt_id_1 
_pdbx_validate_rmsd_bond.auth_atom_id_2 
_pdbx_validate_rmsd_bond.auth_asym_id_2 
_pdbx_validate_rmsd_bond.auth_comp_id_2 
_pdbx_validate_rmsd_bond.auth_seq_id_2 
_pdbx_validate_rmsd_bond.PDB_ins_code_2 
_pdbx_validate_rmsd_bond.label_alt_id_2 
_pdbx_validate_rmsd_bond.bond_value 
_pdbx_validate_rmsd_bond.bond_target_value 
_pdbx_validate_rmsd_bond.bond_deviation 
_pdbx_validate_rmsd_bond.bond_standard_deviation 
_pdbx_validate_rmsd_bond.linker_flag 
1 1 "C5'" A DG 4  ? ? "C4'" A DG 4  ? ? 1.564 1.512 0.052 0.007 N 
2 1 C5    B DT 17 ? ? C7    B DT 17 ? ? 1.533 1.496 0.037 0.006 N 
3 1 P     B DT 18 ? ? "O5'" B DT 18 ? ? 1.654 1.593 0.061 0.010 N 
# 
loop_
_pdbx_validate_rmsd_angle.id 
_pdbx_validate_rmsd_angle.PDB_model_num 
_pdbx_validate_rmsd_angle.auth_atom_id_1 
_pdbx_validate_rmsd_angle.auth_asym_id_1 
_pdbx_validate_rmsd_angle.auth_comp_id_1 
_pdbx_validate_rmsd_angle.auth_seq_id_1 
_pdbx_validate_rmsd_angle.PDB_ins_code_1 
_pdbx_validate_rmsd_angle.label_alt_id_1 
_pdbx_validate_rmsd_angle.auth_atom_id_2 
_pdbx_validate_rmsd_angle.auth_asym_id_2 
_pdbx_validate_rmsd_angle.auth_comp_id_2 
_pdbx_validate_rmsd_angle.auth_seq_id_2 
_pdbx_validate_rmsd_angle.PDB_ins_code_2 
_pdbx_validate_rmsd_angle.label_alt_id_2 
_pdbx_validate_rmsd_angle.auth_atom_id_3 
_pdbx_validate_rmsd_angle.auth_asym_id_3 
_pdbx_validate_rmsd_angle.auth_comp_id_3 
_pdbx_validate_rmsd_angle.auth_seq_id_3 
_pdbx_validate_rmsd_angle.PDB_ins_code_3 
_pdbx_validate_rmsd_angle.label_alt_id_3 
_pdbx_validate_rmsd_angle.angle_value 
_pdbx_validate_rmsd_angle.angle_target_value 
_pdbx_validate_rmsd_angle.angle_deviation 
_pdbx_validate_rmsd_angle.angle_standard_deviation 
_pdbx_validate_rmsd_angle.linker_flag 
1  1 "O3'" A DC 1  ? ? P     A DG 2  ? ? "O5'" A DG 2  ? ? 86.93  104.00 -17.07 1.90 Y 
2  1 "O3'" A DC 1  ? ? P     A DG 2  ? ? OP1   A DG 2  ? ? 121.70 110.50 11.20  1.10 Y 
3  1 "O3'" A DG 2  ? ? P     A DC 3  ? ? OP2   A DC 3  ? ? 120.69 110.50 10.19  1.10 Y 
4  1 "O3'" A DG 2  ? ? P     A DC 3  ? ? OP1   A DC 3  ? ? 90.52  105.20 -14.68 2.20 Y 
5  1 "O4'" A DC 3  ? ? "C1'" A DC 3  ? ? N1    A DC 3  ? ? 114.38 108.30 6.08   0.30 N 
6  1 "O3'" A DC 3  ? ? P     A DG 4  ? ? "O5'" A DG 4  ? ? 76.79  104.00 -27.21 1.90 Y 
7  1 "O3'" A DC 3  ? ? P     A DG 4  ? ? OP2   A DG 4  ? ? 118.71 110.50 8.21   1.10 Y 
8  1 "O4'" A DG 4  ? ? "C1'" A DG 4  ? ? N9    A DG 4  ? ? 115.87 108.30 7.57   0.30 N 
9  1 "O3'" A DG 4  ? ? P     A DT 5  ? ? OP2   A DT 5  ? ? 144.37 110.50 33.87  1.10 Y 
10 1 "O3'" A DG 4  ? ? P     A DT 5  ? ? OP1   A DT 5  ? ? 80.30  105.20 -24.90 2.20 Y 
11 1 "O4'" A DT 5  ? ? "C1'" A DT 5  ? ? "C2'" A DT 5  ? ? 100.88 105.90 -5.02  0.80 N 
12 1 "O4'" A DT 5  ? ? "C1'" A DT 5  ? ? N1    A DT 5  ? ? 110.96 108.30 2.66   0.30 N 
13 1 N1    A DT 5  ? ? C2    A DT 5  ? ? N3    A DT 5  ? ? 118.53 114.60 3.93   0.60 N 
14 1 N3    A DT 5  ? ? C2    A DT 5  ? ? O2    A DT 5  ? ? 118.05 122.30 -4.25  0.60 N 
15 1 C6    A DT 5  ? ? C5    A DT 5  ? ? C7    A DT 5  ? ? 117.29 122.90 -5.61  0.60 N 
16 1 "O4'" A DT 6  ? ? "C1'" A DT 6  ? ? "C2'" A DT 6  ? ? 100.07 105.90 -5.83  0.80 N 
17 1 "O4'" A DT 6  ? ? "C1'" A DT 6  ? ? N1    A DT 6  ? ? 110.64 108.30 2.34   0.30 N 
18 1 C4    A DT 6  ? ? C5    A DT 6  ? ? C6    A DT 6  ? ? 122.10 118.00 4.10   0.60 N 
19 1 N3    A DT 6  ? ? C2    A DT 6  ? ? O2    A DT 6  ? ? 118.08 122.30 -4.22  0.60 N 
20 1 C6    A DT 6  ? ? C5    A DT 6  ? ? C7    A DT 6  ? ? 118.37 122.90 -4.53  0.60 N 
21 1 "O3'" A DT 6  ? ? P     A DA 7  ? ? "O5'" A DA 7  ? ? 84.57  104.00 -19.43 1.90 Y 
22 1 "O3'" A DT 6  ? ? P     A DA 7  ? ? OP1   A DA 7  ? ? 126.02 110.50 15.52  1.10 Y 
23 1 "O4'" A DA 7  ? ? "C1'" A DA 7  ? ? "C2'" A DA 7  ? ? 99.71  105.90 -6.19  0.80 N 
24 1 "O4'" A DA 7  ? ? "C1'" A DA 7  ? ? N9    A DA 7  ? ? 110.53 108.30 2.23   0.30 N 
25 1 "O3'" A DA 7  ? ? P     A DA 8  ? ? OP2   A DA 8  ? ? 122.42 110.50 11.92  1.10 Y 
26 1 "O4'" A DA 8  ? ? "C1'" A DA 8  ? ? "C2'" A DA 8  ? ? 99.97  105.90 -5.93  0.80 N 
27 1 "O3'" A DA 8  ? ? P     A DC 9  ? ? "O5'" A DC 9  ? ? 90.84  104.00 -13.16 1.90 Y 
28 1 "O4'" A DG 10 ? ? "C1'" A DG 10 ? ? N9    A DG 10 ? ? 110.72 108.30 2.42   0.30 N 
29 1 "O3'" A DG 10 ? ? P     A DC 11 ? ? OP1   A DC 11 ? ? 119.95 110.50 9.45   1.10 Y 
30 1 "O4'" A DC 11 ? ? "C1'" A DC 11 ? ? "C2'" A DC 11 ? ? 100.57 105.90 -5.33  0.80 N 
31 1 N1    A DC 11 ? ? C2    A DC 11 ? ? O2    A DC 11 ? ? 123.65 118.90 4.75   0.60 N 
32 1 "O3'" A DC 11 ? ? P     A DG 12 ? ? "O5'" A DG 12 ? ? 79.79  104.00 -24.21 1.90 Y 
33 1 "O3'" A DC 11 ? ? P     A DG 12 ? ? OP2   A DG 12 ? ? 125.00 110.50 14.50  1.10 Y 
34 1 "O4'" A DG 12 ? ? "C1'" A DG 12 ? ? N9    A DG 12 ? ? 112.52 108.30 4.22   0.30 N 
35 1 "O4'" B DC 13 ? ? "C1'" B DC 13 ? ? N1    B DC 13 ? ? 111.61 108.30 3.31   0.30 N 
36 1 "O3'" B DC 13 ? ? P     B DG 14 ? ? "O5'" B DG 14 ? ? 131.37 104.00 27.37  1.90 Y 
37 1 "O3'" B DC 13 ? ? P     B DG 14 ? ? OP2   B DG 14 ? ? 65.19  105.20 -40.01 2.20 Y 
38 1 "O4'" B DG 14 ? ? "C1'" B DG 14 ? ? "C2'" B DG 14 ? ? 100.41 105.90 -5.49  0.80 N 
39 1 "O4'" B DG 14 ? ? "C1'" B DG 14 ? ? N9    B DG 14 ? ? 112.11 108.30 3.81   0.30 N 
40 1 "O4'" B DC 15 ? ? "C1'" B DC 15 ? ? "C2'" B DC 15 ? ? 99.07  105.90 -6.83  0.80 N 
41 1 "O4'" B DC 15 ? ? "C1'" B DC 15 ? ? N1    B DC 15 ? ? 113.51 108.30 5.21   0.30 N 
42 1 N1    B DC 15 ? ? C2    B DC 15 ? ? O2    B DC 15 ? ? 123.43 118.90 4.53   0.60 N 
43 1 "O3'" B DC 15 ? ? P     B DG 16 ? ? "O5'" B DG 16 ? ? 85.37  104.00 -18.63 1.90 Y 
44 1 "O3'" B DC 15 ? ? P     B DG 16 ? ? OP1   B DG 16 ? ? 126.71 110.50 16.21  1.10 Y 
45 1 "O4'" B DG 16 ? ? "C1'" B DG 16 ? ? "C2'" B DG 16 ? ? 100.35 105.90 -5.55  0.80 N 
46 1 "O4'" B DG 16 ? ? "C1'" B DG 16 ? ? N9    B DG 16 ? ? 112.75 108.30 4.45   0.30 N 
47 1 "O4'" B DT 17 ? ? "C1'" B DT 17 ? ? "C2'" B DT 17 ? ? 100.37 105.90 -5.53  0.80 N 
48 1 N3    B DT 17 ? ? C2    B DT 17 ? ? O2    B DT 17 ? ? 117.98 122.30 -4.32  0.60 N 
49 1 "O3'" B DT 17 ? ? P     B DT 18 ? ? "O5'" B DT 18 ? ? 89.63  104.00 -14.37 1.90 Y 
50 1 "O3'" B DT 17 ? ? P     B DT 18 ? ? OP2   B DT 18 ? ? 118.95 110.50 8.45   1.10 Y 
51 1 "O4'" B DT 18 ? ? "C1'" B DT 18 ? ? "C2'" B DT 18 ? ? 100.76 105.90 -5.14  0.80 N 
52 1 "O4'" B DT 18 ? ? "C1'" B DT 18 ? ? N1    B DT 18 ? ? 116.42 108.30 8.12   0.30 N 
53 1 C4    B DT 18 ? ? C5    B DT 18 ? ? C6    B DT 18 ? ? 121.74 118.00 3.74   0.60 N 
54 1 "O4'" B DA 19 ? ? "C1'" B DA 19 ? ? N9    B DA 19 ? ? 111.52 108.30 3.22   0.30 N 
55 1 "O3'" B DA 19 ? ? P     B DA 20 ? ? OP1   B DA 20 ? ? 117.44 110.50 6.94   1.10 Y 
56 1 "O4'" B DA 20 ? ? "C1'" B DA 20 ? ? "C2'" B DA 20 ? ? 98.52  105.90 -7.38  0.80 N 
57 1 "O4'" B DA 20 ? ? "C1'" B DA 20 ? ? N9    B DA 20 ? ? 111.66 108.30 3.36   0.30 N 
58 1 "O4'" B DC 21 ? ? "C1'" B DC 21 ? ? "C2'" B DC 21 ? ? 98.02  105.90 -7.88  0.80 N 
59 1 "O4'" B DC 21 ? ? "C1'" B DC 21 ? ? N1    B DC 21 ? ? 110.44 108.30 2.14   0.30 N 
60 1 N1    B DC 21 ? ? C2    B DC 21 ? ? O2    B DC 21 ? ? 124.13 118.90 5.23   0.60 N 
61 1 N3    B DC 21 ? ? C2    B DC 21 ? ? O2    B DC 21 ? ? 116.79 121.90 -5.11  0.70 N 
62 1 "O3'" B DC 21 ? ? P     B DG 22 ? ? OP2   B DG 22 ? ? 127.67 110.50 17.17  1.10 Y 
63 1 "O4'" B DG 22 ? ? "C1'" B DG 22 ? ? N9    B DG 22 ? ? 115.83 108.30 7.53   0.30 N 
64 1 "O3'" B DG 22 ? ? P     B DC 23 ? ? OP2   B DC 23 ? ? 90.32  105.20 -14.88 2.20 Y 
65 1 "O3'" B DG 22 ? ? P     B DC 23 ? ? OP1   B DC 23 ? ? 121.87 110.50 11.37  1.10 Y 
66 1 "O4'" B DC 23 ? ? "C4'" B DC 23 ? ? "C3'" B DC 23 ? ? 100.45 104.50 -4.05  0.40 N 
67 1 N3    B DC 23 ? ? C2    B DC 23 ? ? O2    B DC 23 ? ? 116.71 121.90 -5.19  0.70 N 
68 1 "O3'" B DC 23 ? ? P     B DG 24 ? ? OP2   B DG 24 ? ? 121.78 110.50 11.28  1.10 Y 
69 1 P     B DG 24 ? ? "O5'" B DG 24 ? ? "C5'" B DG 24 ? ? 110.65 120.90 -10.25 1.60 N 
70 1 "O4'" B DG 24 ? ? "C1'" B DG 24 ? ? N9    B DG 24 ? ? 113.02 108.30 4.72   0.30 N 
# 
loop_
_pdbx_validate_planes.id 
_pdbx_validate_planes.PDB_model_num 
_pdbx_validate_planes.auth_comp_id 
_pdbx_validate_planes.auth_asym_id 
_pdbx_validate_planes.auth_seq_id 
_pdbx_validate_planes.PDB_ins_code 
_pdbx_validate_planes.label_alt_id 
_pdbx_validate_planes.rmsd 
_pdbx_validate_planes.type 
1 1 DC A 3  ? ? 0.113 'SIDE CHAIN' 
2 1 DT A 6  ? ? 0.080 'SIDE CHAIN' 
3 1 DA A 7  ? ? 0.052 'SIDE CHAIN' 
4 1 DC A 9  ? ? 0.071 'SIDE CHAIN' 
5 1 DC A 11 ? ? 0.070 'SIDE CHAIN' 
6 1 DC B 23 ? ? 0.068 'SIDE CHAIN' 
# 
_struct_site_keywords.site_id   1 
_struct_site_keywords.text      'MINOR GROOVE BINDER' 
# 
loop_
_refine_B_iso.class 
_refine_B_iso.details 
_refine_B_iso.treatment 
_refine_B_iso.pdbx_refine_id 
'ALL ATOMS'  TR isotropic 'X-RAY DIFFRACTION' 
'ALL WATERS' TR isotropic 'X-RAY DIFFRACTION' 
# 
loop_
_refine_occupancy.class 
_refine_occupancy.treatment 
_refine_occupancy.pdbx_refine_id 
'ALL ATOMS'  fix 'X-RAY DIFFRACTION' 
'ALL WATERS' fix 'X-RAY DIFFRACTION' 
# 
loop_
_chem_comp_atom.comp_id 
_chem_comp_atom.atom_id 
_chem_comp_atom.type_symbol 
_chem_comp_atom.pdbx_aromatic_flag 
_chem_comp_atom.pdbx_stereo_config 
_chem_comp_atom.pdbx_ordinal 
DA  OP3    O N N 1   
DA  P      P N N 2   
DA  OP1    O N N 3   
DA  OP2    O N N 4   
DA  "O5'"  O N N 5   
DA  "C5'"  C N N 6   
DA  "C4'"  C N R 7   
DA  "O4'"  O N N 8   
DA  "C3'"  C N S 9   
DA  "O3'"  O N N 10  
DA  "C2'"  C N N 11  
DA  "C1'"  C N R 12  
DA  N9     N Y N 13  
DA  C8     C Y N 14  
DA  N7     N Y N 15  
DA  C5     C Y N 16  
DA  C6     C Y N 17  
DA  N6     N N N 18  
DA  N1     N Y N 19  
DA  C2     C Y N 20  
DA  N3     N Y N 21  
DA  C4     C Y N 22  
DA  HOP3   H N N 23  
DA  HOP2   H N N 24  
DA  "H5'"  H N N 25  
DA  "H5''" H N N 26  
DA  "H4'"  H N N 27  
DA  "H3'"  H N N 28  
DA  "HO3'" H N N 29  
DA  "H2'"  H N N 30  
DA  "H2''" H N N 31  
DA  "H1'"  H N N 32  
DA  H8     H N N 33  
DA  H61    H N N 34  
DA  H62    H N N 35  
DA  H2     H N N 36  
DC  OP3    O N N 37  
DC  P      P N N 38  
DC  OP1    O N N 39  
DC  OP2    O N N 40  
DC  "O5'"  O N N 41  
DC  "C5'"  C N N 42  
DC  "C4'"  C N R 43  
DC  "O4'"  O N N 44  
DC  "C3'"  C N S 45  
DC  "O3'"  O N N 46  
DC  "C2'"  C N N 47  
DC  "C1'"  C N R 48  
DC  N1     N N N 49  
DC  C2     C N N 50  
DC  O2     O N N 51  
DC  N3     N N N 52  
DC  C4     C N N 53  
DC  N4     N N N 54  
DC  C5     C N N 55  
DC  C6     C N N 56  
DC  HOP3   H N N 57  
DC  HOP2   H N N 58  
DC  "H5'"  H N N 59  
DC  "H5''" H N N 60  
DC  "H4'"  H N N 61  
DC  "H3'"  H N N 62  
DC  "HO3'" H N N 63  
DC  "H2'"  H N N 64  
DC  "H2''" H N N 65  
DC  "H1'"  H N N 66  
DC  H41    H N N 67  
DC  H42    H N N 68  
DC  H5     H N N 69  
DC  H6     H N N 70  
DG  OP3    O N N 71  
DG  P      P N N 72  
DG  OP1    O N N 73  
DG  OP2    O N N 74  
DG  "O5'"  O N N 75  
DG  "C5'"  C N N 76  
DG  "C4'"  C N R 77  
DG  "O4'"  O N N 78  
DG  "C3'"  C N S 79  
DG  "O3'"  O N N 80  
DG  "C2'"  C N N 81  
DG  "C1'"  C N R 82  
DG  N9     N Y N 83  
DG  C8     C Y N 84  
DG  N7     N Y N 85  
DG  C5     C Y N 86  
DG  C6     C N N 87  
DG  O6     O N N 88  
DG  N1     N N N 89  
DG  C2     C N N 90  
DG  N2     N N N 91  
DG  N3     N N N 92  
DG  C4     C Y N 93  
DG  HOP3   H N N 94  
DG  HOP2   H N N 95  
DG  "H5'"  H N N 96  
DG  "H5''" H N N 97  
DG  "H4'"  H N N 98  
DG  "H3'"  H N N 99  
DG  "HO3'" H N N 100 
DG  "H2'"  H N N 101 
DG  "H2''" H N N 102 
DG  "H1'"  H N N 103 
DG  H8     H N N 104 
DG  H1     H N N 105 
DG  H21    H N N 106 
DG  H22    H N N 107 
DT  OP3    O N N 108 
DT  P      P N N 109 
DT  OP1    O N N 110 
DT  OP2    O N N 111 
DT  "O5'"  O N N 112 
DT  "C5'"  C N N 113 
DT  "C4'"  C N R 114 
DT  "O4'"  O N N 115 
DT  "C3'"  C N S 116 
DT  "O3'"  O N N 117 
DT  "C2'"  C N N 118 
DT  "C1'"  C N R 119 
DT  N1     N N N 120 
DT  C2     C N N 121 
DT  O2     O N N 122 
DT  N3     N N N 123 
DT  C4     C N N 124 
DT  O4     O N N 125 
DT  C5     C N N 126 
DT  C7     C N N 127 
DT  C6     C N N 128 
DT  HOP3   H N N 129 
DT  HOP2   H N N 130 
DT  "H5'"  H N N 131 
DT  "H5''" H N N 132 
DT  "H4'"  H N N 133 
DT  "H3'"  H N N 134 
DT  "HO3'" H N N 135 
DT  "H2'"  H N N 136 
DT  "H2''" H N N 137 
DT  "H1'"  H N N 138 
DT  H3     H N N 139 
DT  H71    H N N 140 
DT  H72    H N N 141 
DT  H73    H N N 142 
DT  H6     H N N 143 
HOH O      O N N 144 
HOH H1     H N N 145 
HOH H2     H N N 146 
NT  C1     C N N 147 
NT  N1     N N N 148 
NT  N2     N N N 149 
NT  N3     N N N 150 
NT  C2     C N N 151 
NT  C3     C N N 152 
NT  O1     O N N 153 
NT  N4     N N N 154 
NT  C4     C Y N 155 
NT  C5     C Y N 156 
NT  C6     C Y N 157 
NT  N5     N Y N 158 
NT  C8     C N N 159 
NT  C7     C Y N 160 
NT  C9     C N N 161 
NT  O2     O N N 162 
NT  N6     N N N 163 
NT  C10    C Y N 164 
NT  C11    C Y N 165 
NT  C12    C Y N 166 
NT  N7     N Y N 167 
NT  C14    C N N 168 
NT  C13    C Y N 169 
NT  C15    C N N 170 
NT  O3     O N N 171 
NT  N8     N N N 172 
NT  C16    C N N 173 
NT  C17    C N N 174 
NT  C18    C N N 175 
NT  N9     N N N 176 
NT  N10    N N N 177 
NT  HN1    H N N 178 
NT  HN21   H N N 179 
NT  HN22   H N N 180 
NT  HN3    H N N 181 
NT  H21    H N N 182 
NT  H22    H N N 183 
NT  HN4    H N N 184 
NT  H5     H N N 185 
NT  H81    H N N 186 
NT  H82    H N N 187 
NT  H83    H N N 188 
NT  H7     H N N 189 
NT  HN6    H N N 190 
NT  H11    H N N 191 
NT  H141   H N N 192 
NT  H142   H N N 193 
NT  H143   H N N 194 
NT  H13    H N N 195 
NT  HN8    H N N 196 
NT  H161   H N N 197 
NT  H162   H N N 198 
NT  H171   H N N 199 
NT  H172   H N N 200 
NT  HN9    H N N 201 
NT  HN01   H N N 202 
NT  HN02   H N N 203 
# 
loop_
_chem_comp_bond.comp_id 
_chem_comp_bond.atom_id_1 
_chem_comp_bond.atom_id_2 
_chem_comp_bond.value_order 
_chem_comp_bond.pdbx_aromatic_flag 
_chem_comp_bond.pdbx_stereo_config 
_chem_comp_bond.pdbx_ordinal 
DA  OP3   P      sing N N 1   
DA  OP3   HOP3   sing N N 2   
DA  P     OP1    doub N N 3   
DA  P     OP2    sing N N 4   
DA  P     "O5'"  sing N N 5   
DA  OP2   HOP2   sing N N 6   
DA  "O5'" "C5'"  sing N N 7   
DA  "C5'" "C4'"  sing N N 8   
DA  "C5'" "H5'"  sing N N 9   
DA  "C5'" "H5''" sing N N 10  
DA  "C4'" "O4'"  sing N N 11  
DA  "C4'" "C3'"  sing N N 12  
DA  "C4'" "H4'"  sing N N 13  
DA  "O4'" "C1'"  sing N N 14  
DA  "C3'" "O3'"  sing N N 15  
DA  "C3'" "C2'"  sing N N 16  
DA  "C3'" "H3'"  sing N N 17  
DA  "O3'" "HO3'" sing N N 18  
DA  "C2'" "C1'"  sing N N 19  
DA  "C2'" "H2'"  sing N N 20  
DA  "C2'" "H2''" sing N N 21  
DA  "C1'" N9     sing N N 22  
DA  "C1'" "H1'"  sing N N 23  
DA  N9    C8     sing Y N 24  
DA  N9    C4     sing Y N 25  
DA  C8    N7     doub Y N 26  
DA  C8    H8     sing N N 27  
DA  N7    C5     sing Y N 28  
DA  C5    C6     sing Y N 29  
DA  C5    C4     doub Y N 30  
DA  C6    N6     sing N N 31  
DA  C6    N1     doub Y N 32  
DA  N6    H61    sing N N 33  
DA  N6    H62    sing N N 34  
DA  N1    C2     sing Y N 35  
DA  C2    N3     doub Y N 36  
DA  C2    H2     sing N N 37  
DA  N3    C4     sing Y N 38  
DC  OP3   P      sing N N 39  
DC  OP3   HOP3   sing N N 40  
DC  P     OP1    doub N N 41  
DC  P     OP2    sing N N 42  
DC  P     "O5'"  sing N N 43  
DC  OP2   HOP2   sing N N 44  
DC  "O5'" "C5'"  sing N N 45  
DC  "C5'" "C4'"  sing N N 46  
DC  "C5'" "H5'"  sing N N 47  
DC  "C5'" "H5''" sing N N 48  
DC  "C4'" "O4'"  sing N N 49  
DC  "C4'" "C3'"  sing N N 50  
DC  "C4'" "H4'"  sing N N 51  
DC  "O4'" "C1'"  sing N N 52  
DC  "C3'" "O3'"  sing N N 53  
DC  "C3'" "C2'"  sing N N 54  
DC  "C3'" "H3'"  sing N N 55  
DC  "O3'" "HO3'" sing N N 56  
DC  "C2'" "C1'"  sing N N 57  
DC  "C2'" "H2'"  sing N N 58  
DC  "C2'" "H2''" sing N N 59  
DC  "C1'" N1     sing N N 60  
DC  "C1'" "H1'"  sing N N 61  
DC  N1    C2     sing N N 62  
DC  N1    C6     sing N N 63  
DC  C2    O2     doub N N 64  
DC  C2    N3     sing N N 65  
DC  N3    C4     doub N N 66  
DC  C4    N4     sing N N 67  
DC  C4    C5     sing N N 68  
DC  N4    H41    sing N N 69  
DC  N4    H42    sing N N 70  
DC  C5    C6     doub N N 71  
DC  C5    H5     sing N N 72  
DC  C6    H6     sing N N 73  
DG  OP3   P      sing N N 74  
DG  OP3   HOP3   sing N N 75  
DG  P     OP1    doub N N 76  
DG  P     OP2    sing N N 77  
DG  P     "O5'"  sing N N 78  
DG  OP2   HOP2   sing N N 79  
DG  "O5'" "C5'"  sing N N 80  
DG  "C5'" "C4'"  sing N N 81  
DG  "C5'" "H5'"  sing N N 82  
DG  "C5'" "H5''" sing N N 83  
DG  "C4'" "O4'"  sing N N 84  
DG  "C4'" "C3'"  sing N N 85  
DG  "C4'" "H4'"  sing N N 86  
DG  "O4'" "C1'"  sing N N 87  
DG  "C3'" "O3'"  sing N N 88  
DG  "C3'" "C2'"  sing N N 89  
DG  "C3'" "H3'"  sing N N 90  
DG  "O3'" "HO3'" sing N N 91  
DG  "C2'" "C1'"  sing N N 92  
DG  "C2'" "H2'"  sing N N 93  
DG  "C2'" "H2''" sing N N 94  
DG  "C1'" N9     sing N N 95  
DG  "C1'" "H1'"  sing N N 96  
DG  N9    C8     sing Y N 97  
DG  N9    C4     sing Y N 98  
DG  C8    N7     doub Y N 99  
DG  C8    H8     sing N N 100 
DG  N7    C5     sing Y N 101 
DG  C5    C6     sing N N 102 
DG  C5    C4     doub Y N 103 
DG  C6    O6     doub N N 104 
DG  C6    N1     sing N N 105 
DG  N1    C2     sing N N 106 
DG  N1    H1     sing N N 107 
DG  C2    N2     sing N N 108 
DG  C2    N3     doub N N 109 
DG  N2    H21    sing N N 110 
DG  N2    H22    sing N N 111 
DG  N3    C4     sing N N 112 
DT  OP3   P      sing N N 113 
DT  OP3   HOP3   sing N N 114 
DT  P     OP1    doub N N 115 
DT  P     OP2    sing N N 116 
DT  P     "O5'"  sing N N 117 
DT  OP2   HOP2   sing N N 118 
DT  "O5'" "C5'"  sing N N 119 
DT  "C5'" "C4'"  sing N N 120 
DT  "C5'" "H5'"  sing N N 121 
DT  "C5'" "H5''" sing N N 122 
DT  "C4'" "O4'"  sing N N 123 
DT  "C4'" "C3'"  sing N N 124 
DT  "C4'" "H4'"  sing N N 125 
DT  "O4'" "C1'"  sing N N 126 
DT  "C3'" "O3'"  sing N N 127 
DT  "C3'" "C2'"  sing N N 128 
DT  "C3'" "H3'"  sing N N 129 
DT  "O3'" "HO3'" sing N N 130 
DT  "C2'" "C1'"  sing N N 131 
DT  "C2'" "H2'"  sing N N 132 
DT  "C2'" "H2''" sing N N 133 
DT  "C1'" N1     sing N N 134 
DT  "C1'" "H1'"  sing N N 135 
DT  N1    C2     sing N N 136 
DT  N1    C6     sing N N 137 
DT  C2    O2     doub N N 138 
DT  C2    N3     sing N N 139 
DT  N3    C4     sing N N 140 
DT  N3    H3     sing N N 141 
DT  C4    O4     doub N N 142 
DT  C4    C5     sing N N 143 
DT  C5    C7     sing N N 144 
DT  C5    C6     doub N N 145 
DT  C7    H71    sing N N 146 
DT  C7    H72    sing N N 147 
DT  C7    H73    sing N N 148 
DT  C6    H6     sing N N 149 
HOH O     H1     sing N N 150 
HOH O     H2     sing N N 151 
NT  C1    N1     doub N N 152 
NT  C1    N2     sing N N 153 
NT  C1    N3     sing N N 154 
NT  N1    HN1    sing N N 155 
NT  N2    HN21   sing N N 156 
NT  N2    HN22   sing N N 157 
NT  N3    C2     sing N N 158 
NT  N3    HN3    sing N N 159 
NT  C2    C3     sing N N 160 
NT  C2    H21    sing N N 161 
NT  C2    H22    sing N N 162 
NT  C3    O1     doub N N 163 
NT  C3    N4     sing N N 164 
NT  N4    C4     sing N N 165 
NT  N4    HN4    sing N N 166 
NT  C4    C5     sing Y N 167 
NT  C4    C7     doub Y N 168 
NT  C5    C6     doub Y N 169 
NT  C5    H5     sing N N 170 
NT  C6    N5     sing Y N 171 
NT  C6    C9     sing N N 172 
NT  N5    C8     sing N N 173 
NT  N5    C7     sing Y N 174 
NT  C8    H81    sing N N 175 
NT  C8    H82    sing N N 176 
NT  C8    H83    sing N N 177 
NT  C7    H7     sing N N 178 
NT  C9    O2     doub N N 179 
NT  C9    N6     sing N N 180 
NT  N6    C10    sing N N 181 
NT  N6    HN6    sing N N 182 
NT  C10   C11    sing Y N 183 
NT  C10   C13    doub Y N 184 
NT  C11   C12    doub Y N 185 
NT  C11   H11    sing N N 186 
NT  C12   N7     sing Y N 187 
NT  C12   C15    sing N N 188 
NT  N7    C14    sing N N 189 
NT  N7    C13    sing Y N 190 
NT  C14   H141   sing N N 191 
NT  C14   H142   sing N N 192 
NT  C14   H143   sing N N 193 
NT  C13   H13    sing N N 194 
NT  C15   O3     doub N N 195 
NT  C15   N8     sing N N 196 
NT  N8    C16    sing N N 197 
NT  N8    HN8    sing N N 198 
NT  C16   C17    sing N N 199 
NT  C16   H161   sing N N 200 
NT  C16   H162   sing N N 201 
NT  C17   C18    sing N N 202 
NT  C17   H171   sing N N 203 
NT  C17   H172   sing N N 204 
NT  C18   N9     doub N N 205 
NT  C18   N10    sing N N 206 
NT  N9    HN9    sing N N 207 
NT  N10   HN01   sing N N 208 
NT  N10   HN02   sing N N 209 
# 
loop_
_ndb_struct_conf_na.entry_id 
_ndb_struct_conf_na.feature 
195D 'double helix'        
195D 'b-form double helix' 
# 
loop_
_ndb_struct_na_base_pair.model_number 
_ndb_struct_na_base_pair.i_label_asym_id 
_ndb_struct_na_base_pair.i_label_comp_id 
_ndb_struct_na_base_pair.i_label_seq_id 
_ndb_struct_na_base_pair.i_symmetry 
_ndb_struct_na_base_pair.j_label_asym_id 
_ndb_struct_na_base_pair.j_label_comp_id 
_ndb_struct_na_base_pair.j_label_seq_id 
_ndb_struct_na_base_pair.j_symmetry 
_ndb_struct_na_base_pair.shear 
_ndb_struct_na_base_pair.stretch 
_ndb_struct_na_base_pair.stagger 
_ndb_struct_na_base_pair.buckle 
_ndb_struct_na_base_pair.propeller 
_ndb_struct_na_base_pair.opening 
_ndb_struct_na_base_pair.pair_number 
_ndb_struct_na_base_pair.pair_name 
_ndb_struct_na_base_pair.i_auth_asym_id 
_ndb_struct_na_base_pair.i_auth_seq_id 
_ndb_struct_na_base_pair.i_PDB_ins_code 
_ndb_struct_na_base_pair.j_auth_asym_id 
_ndb_struct_na_base_pair.j_auth_seq_id 
_ndb_struct_na_base_pair.j_PDB_ins_code 
_ndb_struct_na_base_pair.hbond_type_28 
_ndb_struct_na_base_pair.hbond_type_12 
1 A DC 1  1_555 B DG 12 1_555 0.063  -0.417 0.279  -1.621  -13.092 -5.249 1  A_DC1:DG24_B  A 1  ? B 24 ? 19 1 
1 A DG 2  1_555 B DC 11 1_555 -0.393 -0.420 0.271  -1.250  -18.632 -3.320 2  A_DG2:DC23_B  A 2  ? B 23 ? 19 1 
1 A DC 3  1_555 B DG 10 1_555 -0.017 -0.331 0.026  -5.439  -6.445  -5.356 3  A_DC3:DG22_B  A 3  ? B 22 ? 19 1 
1 A DG 4  1_555 B DC 9  1_555 -0.599 -0.335 -0.082 3.474   -6.236  -2.645 4  A_DG4:DC21_B  A 4  ? B 21 ? 19 1 
1 A DT 5  1_555 B DA 8  1_555 -0.272 -0.125 0.029  3.850   -17.039 -3.622 5  A_DT5:DA20_B  A 5  ? B 20 ? 20 1 
1 A DT 6  1_555 B DA 7  1_555 0.235  -0.251 -0.526 14.428  -20.897 3.015  6  A_DT6:DA19_B  A 6  ? B 19 ? 20 1 
1 A DA 7  1_555 B DT 6  1_555 0.176  -0.087 -0.073 -14.630 -18.621 6.201  7  A_DA7:DT18_B  A 7  ? B 18 ? 20 1 
1 A DA 8  1_555 B DT 5  1_555 -0.402 -0.204 -0.022 -10.070 -11.986 6.175  8  A_DA8:DT17_B  A 8  ? B 17 ? 20 1 
1 A DC 9  1_555 B DG 4  1_555 0.106  -0.383 0.057  -5.922  -6.444  -3.751 9  A_DC9:DG16_B  A 9  ? B 16 ? 19 1 
1 A DG 10 1_555 B DC 3  1_555 0.260  -0.217 0.187  9.827   -4.250  -3.463 10 A_DG10:DC15_B A 10 ? B 15 ? 19 1 
1 A DC 11 1_555 B DG 2  1_555 0.331  -0.406 0.040  9.743   -23.633 -8.521 11 A_DC11:DG14_B A 11 ? B 14 ? 19 1 
1 A DG 12 1_555 B DC 1  1_555 -0.475 -0.531 0.285  7.024   10.100  -7.997 12 A_DG12:DC13_B A 12 ? B 13 ? 19 1 
# 
loop_
_ndb_struct_na_base_pair_step.model_number 
_ndb_struct_na_base_pair_step.i_label_asym_id_1 
_ndb_struct_na_base_pair_step.i_label_comp_id_1 
_ndb_struct_na_base_pair_step.i_label_seq_id_1 
_ndb_struct_na_base_pair_step.i_symmetry_1 
_ndb_struct_na_base_pair_step.j_label_asym_id_1 
_ndb_struct_na_base_pair_step.j_label_comp_id_1 
_ndb_struct_na_base_pair_step.j_label_seq_id_1 
_ndb_struct_na_base_pair_step.j_symmetry_1 
_ndb_struct_na_base_pair_step.i_label_asym_id_2 
_ndb_struct_na_base_pair_step.i_label_comp_id_2 
_ndb_struct_na_base_pair_step.i_label_seq_id_2 
_ndb_struct_na_base_pair_step.i_symmetry_2 
_ndb_struct_na_base_pair_step.j_label_asym_id_2 
_ndb_struct_na_base_pair_step.j_label_comp_id_2 
_ndb_struct_na_base_pair_step.j_label_seq_id_2 
_ndb_struct_na_base_pair_step.j_symmetry_2 
_ndb_struct_na_base_pair_step.shift 
_ndb_struct_na_base_pair_step.slide 
_ndb_struct_na_base_pair_step.rise 
_ndb_struct_na_base_pair_step.tilt 
_ndb_struct_na_base_pair_step.roll 
_ndb_struct_na_base_pair_step.twist 
_ndb_struct_na_base_pair_step.x_displacement 
_ndb_struct_na_base_pair_step.y_displacement 
_ndb_struct_na_base_pair_step.helical_rise 
_ndb_struct_na_base_pair_step.inclination 
_ndb_struct_na_base_pair_step.tip 
_ndb_struct_na_base_pair_step.helical_twist 
_ndb_struct_na_base_pair_step.step_number 
_ndb_struct_na_base_pair_step.step_name 
_ndb_struct_na_base_pair_step.i_auth_asym_id_1 
_ndb_struct_na_base_pair_step.i_auth_seq_id_1 
_ndb_struct_na_base_pair_step.i_PDB_ins_code_1 
_ndb_struct_na_base_pair_step.j_auth_asym_id_1 
_ndb_struct_na_base_pair_step.j_auth_seq_id_1 
_ndb_struct_na_base_pair_step.j_PDB_ins_code_1 
_ndb_struct_na_base_pair_step.i_auth_asym_id_2 
_ndb_struct_na_base_pair_step.i_auth_seq_id_2 
_ndb_struct_na_base_pair_step.i_PDB_ins_code_2 
_ndb_struct_na_base_pair_step.j_auth_asym_id_2 
_ndb_struct_na_base_pair_step.j_auth_seq_id_2 
_ndb_struct_na_base_pair_step.j_PDB_ins_code_2 
1 A DC 1  1_555 B DG 12 1_555 A DG 2  1_555 B DC 11 1_555 -0.228 0.166  3.387 -1.292 6.658  35.990 -0.689 0.178  3.369 10.659  
2.069  36.603 1  AA_DC1DG2:DC23DG24_BB   A 1  ? B 24 ? A 2  ? B 23 ? 
1 A DG 2  1_555 B DC 11 1_555 A DC 3  1_555 B DG 10 1_555 0.440  0.440  3.521 2.470  -3.768 40.622 1.074  -0.339 3.488 -5.407  
-3.544 40.860 2  AA_DG2DC3:DG22DC23_BB   A 2  ? B 23 ? A 3  ? B 22 ? 
1 A DC 3  1_555 B DG 10 1_555 A DG 4  1_555 B DC 9  1_555 -0.443 0.812  3.270 1.240  9.783  26.742 -0.682 1.197  3.330 20.296  
-2.573 28.471 3  AA_DC3DG4:DC21DG22_BB   A 3  ? B 22 ? A 4  ? B 21 ? 
1 A DG 4  1_555 B DC 9  1_555 A DT 5  1_555 B DA 8  1_555 0.118  -0.432 3.423 -2.596 4.345  32.864 -1.508 -0.656 3.321 7.624   
4.555  33.241 4  AA_DG4DT5:DA20DC21_BB   A 4  ? B 21 ? A 5  ? B 20 ? 
1 A DT 5  1_555 B DA 8  1_555 A DT 6  1_555 B DA 7  1_555 0.048  -0.053 2.947 5.363  3.816  37.327 -0.523 0.546  2.906 5.907   
-8.301 37.882 5  AA_DT5DT6:DA19DA20_BB   A 5  ? B 20 ? A 6  ? B 19 ? 
1 A DT 6  1_555 B DA 7  1_555 A DA 7  1_555 B DT 6  1_555 0.823  0.548  3.998 -0.622 2.856  43.273 0.401  -1.187 4.013 3.867   
0.842  43.367 6  AA_DT6DA7:DT18DA19_BB   A 6  ? B 19 ? A 7  ? B 18 ? 
1 A DA 7  1_555 B DT 6  1_555 A DA 8  1_555 B DT 5  1_555 -0.108 -0.066 3.171 -0.093 2.618  27.796 -0.741 0.202  3.152 5.433   
0.193  27.917 7  AA_DA7DA8:DT17DT18_BB   A 7  ? B 18 ? A 8  ? B 17 ? 
1 A DA 8  1_555 B DT 5  1_555 A DC 9  1_555 B DG 4  1_555 -0.706 -0.213 3.262 -1.314 -1.206 38.541 -0.173 0.906  3.288 -1.826  
1.989  38.581 8  AA_DA8DC9:DG16DT17_BB   A 8  ? B 17 ? A 9  ? B 16 ? 
1 A DC 9  1_555 B DG 4  1_555 A DG 10 1_555 B DC 3  1_555 0.480  1.049  3.206 -1.246 2.848  32.311 1.381  -1.076 3.263 5.104   
2.233  32.456 9  AA_DC9DG10:DC15DG16_BB  A 9  ? B 16 ? A 10 ? B 15 ? 
1 A DG 10 1_555 B DC 3  1_555 A DC 11 1_555 B DG 2  1_555 -1.071 0.690  3.411 0.589  -7.417 41.028 1.771  1.569  3.228 -10.479 
-0.832 41.668 10 AA_DG10DC11:DG14DC15_BB A 10 ? B 15 ? A 11 ? B 14 ? 
1 A DC 11 1_555 B DG 2  1_555 A DG 12 1_555 B DC 1  1_555 1.133  0.704  3.551 1.362  -9.240 32.988 2.745  -1.695 3.283 -15.880 
-2.341 34.249 11 AA_DC11DG12:DC13DG14_BB A 11 ? B 14 ? A 12 ? B 13 ? 
# 
_atom_sites.entry_id                    195D 
_atom_sites.fract_transf_matrix[1][1]   0.03632060 
_atom_sites.fract_transf_matrix[1][2]   0.01324385 
_atom_sites.fract_transf_matrix[1][3]   0.00666979 
_atom_sites.fract_transf_matrix[2][1]   -0.00106623 
_atom_sites.fract_transf_matrix[2][2]   0.01326468 
_atom_sites.fract_transf_matrix[2][3]   -0.02053277 
_atom_sites.fract_transf_matrix[3][1]   -0.00560224 
_atom_sites.fract_transf_matrix[3][2]   0.01148178 
_atom_sites.fract_transf_matrix[3][3]   0.00770843 
_atom_sites.fract_transf_vector[1]      0.585198 
_atom_sites.fract_transf_vector[2]      0.514069 
_atom_sites.fract_transf_vector[3]      0.137752 
# 
loop_
_atom_type.symbol 
C 
N 
O 
P 
# 
loop_
_atom_site.group_PDB 
_atom_site.id 
_atom_site.type_symbol 
_atom_site.label_atom_id 
_atom_site.label_alt_id 
_atom_site.label_comp_id 
_atom_site.label_asym_id 
_atom_site.label_entity_id 
_atom_site.label_seq_id 
_atom_site.pdbx_PDB_ins_code 
_atom_site.Cartn_x 
_atom_site.Cartn_y 
_atom_site.Cartn_z 
_atom_site.occupancy 
_atom_site.B_iso_or_equiv 
_atom_site.pdbx_formal_charge 
_atom_site.auth_seq_id 
_atom_site.auth_comp_id 
_atom_site.auth_asym_id 
_atom_site.auth_atom_id 
_atom_site.pdbx_PDB_model_num 
ATOM   1   O "O5'" . DC  A 1 1  ? -1.199  20.744  -3.146  1.00 38.27  ? 1   DC  A "O5'" 1 
ATOM   2   C "C5'" . DC  A 1 1  ? -2.026  20.384  -2.043  1.00 37.55  ? 1   DC  A "C5'" 1 
ATOM   3   C "C4'" . DC  A 1 1  ? -1.269  19.968  -0.776  1.00 37.08  ? 1   DC  A "C4'" 1 
ATOM   4   O "O4'" . DC  A 1 1  ? -2.289  19.702  0.193   1.00 35.16  ? 1   DC  A "O4'" 1 
ATOM   5   C "C3'" . DC  A 1 1  ? -0.453  18.670  -0.921  1.00 38.58  ? 1   DC  A "C3'" 1 
ATOM   6   O "O3'" . DC  A 1 1  ? 0.734   18.698  -0.119  1.00 42.48  ? 1   DC  A "O3'" 1 
ATOM   7   C "C2'" . DC  A 1 1  ? -1.376  17.685  -0.291  1.00 37.09  ? 1   DC  A "C2'" 1 
ATOM   8   C "C1'" . DC  A 1 1  ? -1.960  18.487  0.845   1.00 33.51  ? 1   DC  A "C1'" 1 
ATOM   9   N N1    . DC  A 1 1  ? -3.169  17.897  1.453   1.00 30.40  ? 1   DC  A N1    1 
ATOM   10  C C2    . DC  A 1 1  ? -3.188  17.708  2.851   1.00 28.35  ? 1   DC  A C2    1 
ATOM   11  O O2    . DC  A 1 1  ? -2.169  17.835  3.549   1.00 26.71  ? 1   DC  A O2    1 
ATOM   12  N N3    . DC  A 1 1  ? -4.333  17.227  3.406   1.00 25.26  ? 1   DC  A N3    1 
ATOM   13  C C4    . DC  A 1 1  ? -5.390  16.922  2.640   1.00 25.82  ? 1   DC  A C4    1 
ATOM   14  N N4    . DC  A 1 1  ? -6.493  16.426  3.222   1.00 25.80  ? 1   DC  A N4    1 
ATOM   15  C C5    . DC  A 1 1  ? -5.372  17.089  1.219   1.00 26.01  ? 1   DC  A C5    1 
ATOM   16  C C6    . DC  A 1 1  ? -4.243  17.581  0.673   1.00 28.24  ? 1   DC  A C6    1 
ATOM   17  P P     . DG  A 1 2  ? 2.146   18.001  -0.629  1.00 45.40  ? 2   DG  A P     1 
ATOM   18  O OP1   . DG  A 1 2  ? 3.410   18.777  -0.725  1.00 44.92  ? 2   DG  A OP1   1 
ATOM   19  O OP2   . DG  A 1 2  ? 1.858   16.937  -1.637  1.00 44.14  ? 2   DG  A OP2   1 
ATOM   20  O "O5'" . DG  A 1 2  ? 2.188   17.252  0.787   1.00 43.74  ? 2   DG  A "O5'" 1 
ATOM   21  C "C5'" . DG  A 1 2  ? 2.767   17.860  1.948   1.00 39.70  ? 2   DG  A "C5'" 1 
ATOM   22  C "C4'" . DG  A 1 2  ? 2.853   16.867  3.112   1.00 36.89  ? 2   DG  A "C4'" 1 
ATOM   23  O "O4'" . DG  A 1 2  ? 1.556   16.412  3.529   1.00 35.24  ? 2   DG  A "O4'" 1 
ATOM   24  C "C3'" . DG  A 1 2  ? 3.560   15.626  2.673   1.00 36.20  ? 2   DG  A "C3'" 1 
ATOM   25  O "O3'" . DG  A 1 2  ? 4.334   15.160  3.739   1.00 37.80  ? 2   DG  A "O3'" 1 
ATOM   26  C "C2'" . DG  A 1 2  ? 2.421   14.656  2.394   1.00 34.86  ? 2   DG  A "C2'" 1 
ATOM   27  C "C1'" . DG  A 1 2  ? 1.387   15.009  3.430   1.00 31.04  ? 2   DG  A "C1'" 1 
ATOM   28  N N9    . DG  A 1 2  ? -0.021  14.746  3.034   1.00 25.49  ? 2   DG  A N9    1 
ATOM   29  C C8    . DG  A 1 2  ? -0.601  14.685  1.798   1.00 22.73  ? 2   DG  A C8    1 
ATOM   30  N N7    . DG  A 1 2  ? -1.878  14.366  1.831   1.00 22.62  ? 2   DG  A N7    1 
ATOM   31  C C5    . DG  A 1 2  ? -2.151  14.216  3.175   1.00 20.85  ? 2   DG  A C5    1 
ATOM   32  C C6    . DG  A 1 2  ? -3.317  13.800  3.804   1.00 20.14  ? 2   DG  A C6    1 
ATOM   33  O O6    . DG  A 1 2  ? -4.422  13.658  3.284   1.00 20.04  ? 2   DG  A O6    1 
ATOM   34  N N1    . DG  A 1 2  ? -3.157  13.669  5.184   1.00 20.10  ? 2   DG  A N1    1 
ATOM   35  C C2    . DG  A 1 2  ? -2.008  13.930  5.892   1.00 20.11  ? 2   DG  A C2    1 
ATOM   36  N N2    . DG  A 1 2  ? -1.965  13.719  7.212   1.00 19.73  ? 2   DG  A N2    1 
ATOM   37  N N3    . DG  A 1 2  ? -0.906  14.342  5.283   1.00 22.26  ? 2   DG  A N3    1 
ATOM   38  C C4    . DG  A 1 2  ? -1.038  14.456  3.929   1.00 23.77  ? 2   DG  A C4    1 
ATOM   39  P P     . DC  A 1 3  ? 5.443   14.097  3.316   1.00 35.99  ? 3   DC  A P     1 
ATOM   40  O OP1   . DC  A 1 3  ? 6.491   14.915  3.957   1.00 36.24  ? 3   DC  A OP1   1 
ATOM   41  O OP2   . DC  A 1 3  ? 5.541   13.620  1.912   1.00 35.62  ? 3   DC  A OP2   1 
ATOM   42  O "O5'" . DC  A 1 3  ? 5.024   12.903  4.295   1.00 33.00  ? 3   DC  A "O5'" 1 
ATOM   43  C "C5'" . DC  A 1 3  ? 4.955   13.245  5.680   1.00 31.74  ? 3   DC  A "C5'" 1 
ATOM   44  C "C4'" . DC  A 1 3  ? 3.930   12.410  6.409   1.00 29.90  ? 3   DC  A "C4'" 1 
ATOM   45  O "O4'" . DC  A 1 3  ? 2.737   12.613  5.642   1.00 27.96  ? 3   DC  A "O4'" 1 
ATOM   46  C "C3'" . DC  A 1 3  ? 4.173   10.925  6.312   1.00 28.48  ? 3   DC  A "C3'" 1 
ATOM   47  O "O3'" . DC  A 1 3  ? 4.576   10.357  7.535   1.00 30.64  ? 3   DC  A "O3'" 1 
ATOM   48  C "C2'" . DC  A 1 3  ? 2.766   10.415  6.353   1.00 27.72  ? 3   DC  A "C2'" 1 
ATOM   49  C "C1'" . DC  A 1 3  ? 1.867   11.499  5.912   1.00 27.27  ? 3   DC  A "C1'" 1 
ATOM   50  N N1    . DC  A 1 3  ? 1.013   11.094  4.763   1.00 24.63  ? 3   DC  A N1    1 
ATOM   51  C C2    . DC  A 1 3  ? -0.317  10.798  5.036   1.00 23.13  ? 3   DC  A C2    1 
ATOM   52  O O2    . DC  A 1 3  ? -0.690  10.576  6.190   1.00 24.50  ? 3   DC  A O2    1 
ATOM   53  N N3    . DC  A 1 3  ? -1.187  10.716  3.988   1.00 20.26  ? 3   DC  A N3    1 
ATOM   54  C C4    . DC  A 1 3  ? -0.747  10.914  2.726   1.00 19.35  ? 3   DC  A C4    1 
ATOM   55  N N4    . DC  A 1 3  ? -1.619  10.981  1.729   1.00 16.62  ? 3   DC  A N4    1 
ATOM   56  C C5    . DC  A 1 3  ? 0.627   11.170  2.424   1.00 20.18  ? 3   DC  A C5    1 
ATOM   57  C C6    . DC  A 1 3  ? 1.464   11.248  3.475   1.00 23.09  ? 3   DC  A C6    1 
ATOM   58  P P     . DG  A 1 4  ? 5.603   9.128   7.468   1.00 33.75  ? 4   DG  A P     1 
ATOM   59  O OP1   . DG  A 1 4  ? 6.688   9.140   8.452   1.00 39.02  ? 4   DG  A OP1   1 
ATOM   60  O OP2   . DG  A 1 4  ? 5.819   8.442   6.155   1.00 32.33  ? 4   DG  A OP2   1 
ATOM   61  O "O5'" . DG  A 1 4  ? 4.331   8.503   8.210   1.00 34.66  ? 4   DG  A "O5'" 1 
ATOM   62  C "C5'" . DG  A 1 4  ? 4.090   8.466   9.626   1.00 32.44  ? 4   DG  A "C5'" 1 
ATOM   63  C "C4'" . DG  A 1 4  ? 2.914   7.480   9.929   1.00 32.30  ? 4   DG  A "C4'" 1 
ATOM   64  O "O4'" . DG  A 1 4  ? 1.803   7.687   8.993   1.00 31.26  ? 4   DG  A "O4'" 1 
ATOM   65  C "C3'" . DG  A 1 4  ? 3.281   5.972   9.802   1.00 31.07  ? 4   DG  A "C3'" 1 
ATOM   66  O "O3'" . DG  A 1 4  ? 2.474   5.182   10.675  1.00 29.77  ? 4   DG  A "O3'" 1 
ATOM   67  C "C2'" . DG  A 1 4  ? 2.858   5.697   8.382   1.00 28.93  ? 4   DG  A "C2'" 1 
ATOM   68  C "C1'" . DG  A 1 4  ? 1.557   6.472   8.209   1.00 27.82  ? 4   DG  A "C1'" 1 
ATOM   69  N N9    . DG  A 1 4  ? 1.239   6.682   6.770   1.00 21.70  ? 4   DG  A N9    1 
ATOM   70  C C8    . DG  A 1 4  ? 2.090   7.034   5.756   1.00 20.54  ? 4   DG  A C8    1 
ATOM   71  N N7    . DG  A 1 4  ? 1.498   7.273   4.609   1.00 19.26  ? 4   DG  A N7    1 
ATOM   72  C C5    . DG  A 1 4  ? 0.157   7.057   4.869   1.00 17.28  ? 4   DG  A C5    1 
ATOM   73  C C6    . DG  A 1 4  ? -0.956  7.187   4.011   1.00 17.57  ? 4   DG  A C6    1 
ATOM   74  O O6    . DG  A 1 4  ? -0.971  7.521   2.822   1.00 20.04  ? 4   DG  A O6    1 
ATOM   75  N N1    . DG  A 1 4  ? -2.144  6.908   4.663   1.00 16.13  ? 4   DG  A N1    1 
ATOM   76  C C2    . DG  A 1 4  ? -2.230  6.534   5.985   1.00 15.67  ? 4   DG  A C2    1 
ATOM   77  N N2    . DG  A 1 4  ? -3.434  6.356   6.472   1.00 14.73  ? 4   DG  A N2    1 
ATOM   78  N N3    . DG  A 1 4  ? -1.184  6.391   6.800   1.00 18.21  ? 4   DG  A N3    1 
ATOM   79  C C4    . DG  A 1 4  ? -0.014  6.678   6.184   1.00 20.11  ? 4   DG  A C4    1 
ATOM   80  P P     . DT  A 1 5  ? 2.937   3.700   11.042  1.00 34.31  ? 5   DT  A P     1 
ATOM   81  O OP1   . DT  A 1 5  ? 2.647   4.214   12.400  1.00 32.50  ? 5   DT  A OP1   1 
ATOM   82  O OP2   . DT  A 1 5  ? 4.016   2.692   10.867  1.00 38.67  ? 5   DT  A OP2   1 
ATOM   83  O "O5'" . DT  A 1 5  ? 1.622   3.060   10.455  1.00 31.86  ? 5   DT  A "O5'" 1 
ATOM   84  C "C5'" . DT  A 1 5  ? 0.379   3.393   11.008  1.00 30.67  ? 5   DT  A "C5'" 1 
ATOM   85  C "C4'" . DT  A 1 5  ? -0.726  2.850   10.146  1.00 32.23  ? 5   DT  A "C4'" 1 
ATOM   86  O "O4'" . DT  A 1 5  ? -0.622  3.447   8.837   1.00 33.07  ? 5   DT  A "O4'" 1 
ATOM   87  C "C3'" . DT  A 1 5  ? -0.596  1.347   9.950   1.00 32.17  ? 5   DT  A "C3'" 1 
ATOM   88  O "O3'" . DT  A 1 5  ? -1.865  0.834   10.265  1.00 33.81  ? 5   DT  A "O3'" 1 
ATOM   89  C "C2'" . DT  A 1 5  ? -0.301  1.227   8.449   1.00 31.96  ? 5   DT  A "C2'" 1 
ATOM   90  C "C1'" . DT  A 1 5  ? -0.911  2.465   7.827   1.00 30.14  ? 5   DT  A "C1'" 1 
ATOM   91  N N1    . DT  A 1 5  ? -0.388  2.894   6.505   1.00 26.44  ? 5   DT  A N1    1 
ATOM   92  C C2    . DT  A 1 5  ? -1.295  3.095   5.470   1.00 24.63  ? 5   DT  A C2    1 
ATOM   93  O O2    . DT  A 1 5  ? -2.476  2.867   5.570   1.00 23.40  ? 5   DT  A O2    1 
ATOM   94  N N3    . DT  A 1 5  ? -0.819  3.499   4.257   1.00 24.60  ? 5   DT  A N3    1 
ATOM   95  C C4    . DT  A 1 5  ? 0.519   3.696   3.976   1.00 26.20  ? 5   DT  A C4    1 
ATOM   96  O O4    . DT  A 1 5  ? 0.831   4.053   2.832   1.00 31.27  ? 5   DT  A O4    1 
ATOM   97  C C5    . DT  A 1 5  ? 1.417   3.452   5.110   1.00 24.06  ? 5   DT  A C5    1 
ATOM   98  C C7    . DT  A 1 5  ? 2.922   3.612   4.975   1.00 21.45  ? 5   DT  A C7    1 
ATOM   99  C C6    . DT  A 1 5  ? 0.946   3.074   6.303   1.00 24.05  ? 5   DT  A C6    1 
ATOM   100 P P     . DT  A 1 6  ? -1.990  -0.761  10.438  1.00 35.75  ? 6   DT  A P     1 
ATOM   101 O OP1   . DT  A 1 6  ? -3.043  -0.759  11.497  1.00 33.68  ? 6   DT  A OP1   1 
ATOM   102 O OP2   . DT  A 1 6  ? -0.712  -1.498  10.608  1.00 33.11  ? 6   DT  A OP2   1 
ATOM   103 O "O5'" . DT  A 1 6  ? -2.725  -1.101  9.023   1.00 31.37  ? 6   DT  A "O5'" 1 
ATOM   104 C "C5'" . DT  A 1 6  ? -4.069  -0.621  8.926   1.00 29.44  ? 6   DT  A "C5'" 1 
ATOM   105 C "C4'" . DT  A 1 6  ? -4.717  -0.841  7.584   1.00 28.71  ? 6   DT  A "C4'" 1 
ATOM   106 O "O4'" . DT  A 1 6  ? -3.889  -0.206  6.594   1.00 27.12  ? 6   DT  A "O4'" 1 
ATOM   107 C "C3'" . DT  A 1 6  ? -4.825  -2.344  7.221   1.00 29.11  ? 6   DT  A "C3'" 1 
ATOM   108 O "O3'" . DT  A 1 6  ? -6.052  -2.549  6.502   1.00 29.63  ? 6   DT  A "O3'" 1 
ATOM   109 C "C2'" . DT  A 1 6  ? -3.632  -2.464  6.282   1.00 27.93  ? 6   DT  A "C2'" 1 
ATOM   110 C "C1'" . DT  A 1 6  ? -3.676  -1.146  5.499   1.00 26.36  ? 6   DT  A "C1'" 1 
ATOM   111 N N1    . DT  A 1 6  ? -2.428  -0.808  4.748   1.00 23.29  ? 6   DT  A N1    1 
ATOM   112 C C2    . DT  A 1 6  ? -2.523  -0.075  3.573   1.00 21.00  ? 6   DT  A C2    1 
ATOM   113 O O2    . DT  A 1 6  ? -3.552  0.060   2.911   1.00 21.68  ? 6   DT  A O2    1 
ATOM   114 N N3    . DT  A 1 6  ? -1.351  0.404   3.048   1.00 18.79  ? 6   DT  A N3    1 
ATOM   115 C C4    . DT  A 1 6  ? -0.104  0.212   3.563   1.00 19.54  ? 6   DT  A C4    1 
ATOM   116 O O4    . DT  A 1 6  ? 0.880   0.689   2.998   1.00 20.69  ? 6   DT  A O4    1 
ATOM   117 C C5    . DT  A 1 6  ? -0.091  -0.582  4.759   1.00 20.16  ? 6   DT  A C5    1 
ATOM   118 C C7    . DT  A 1 6  ? 1.209   -0.881  5.430   1.00 21.79  ? 6   DT  A C7    1 
ATOM   119 C C6    . DT  A 1 6  ? -1.211  -1.052  5.309   1.00 21.37  ? 6   DT  A C6    1 
ATOM   120 P P     . DA  A 1 7  ? -6.916  -3.916  6.454   1.00 30.75  ? 7   DA  A P     1 
ATOM   121 O OP1   . DA  A 1 7  ? -8.371  -4.034  6.696   1.00 32.50  ? 7   DA  A OP1   1 
ATOM   122 O OP2   . DA  A 1 7  ? -6.006  -5.005  6.874   1.00 30.03  ? 7   DA  A OP2   1 
ATOM   123 O "O5'" . DA  A 1 7  ? -6.720  -3.808  4.890   1.00 28.31  ? 7   DA  A "O5'" 1 
ATOM   124 C "C5'" . DA  A 1 7  ? -7.464  -2.876  4.151   1.00 28.02  ? 7   DA  A "C5'" 1 
ATOM   125 C "C4'" . DA  A 1 7  ? -7.002  -2.874  2.722   1.00 28.26  ? 7   DA  A "C4'" 1 
ATOM   126 O "O4'" . DA  A 1 7  ? -5.581  -2.595  2.740   1.00 26.13  ? 7   DA  A "O4'" 1 
ATOM   127 C "C3'" . DA  A 1 7  ? -7.157  -4.268  2.144   1.00 29.36  ? 7   DA  A "C3'" 1 
ATOM   128 O "O3'" . DA  A 1 7  ? -7.972  -4.209  0.993   1.00 30.73  ? 7   DA  A "O3'" 1 
ATOM   129 C "C2'" . DA  A 1 7  ? -5.691  -4.636  1.782   1.00 28.13  ? 7   DA  A "C2'" 1 
ATOM   130 C "C1'" . DA  A 1 7  ? -4.937  -3.312  1.690   1.00 23.80  ? 7   DA  A "C1'" 1 
ATOM   131 N N9    . DA  A 1 7  ? -3.504  -3.479  1.982   1.00 19.73  ? 7   DA  A N9    1 
ATOM   132 C C8    . DA  A 1 7  ? -2.926  -3.962  3.118   1.00 18.31  ? 7   DA  A C8    1 
ATOM   133 N N7    . DA  A 1 7  ? -1.624  -3.838  3.154   1.00 18.23  ? 7   DA  A N7    1 
ATOM   134 C C5    . DA  A 1 7  ? -1.329  -3.233  1.946   1.00 16.45  ? 7   DA  A C5    1 
ATOM   135 C C6    . DA  A 1 7  ? -0.137  -2.817  1.398   1.00 16.21  ? 7   DA  A C6    1 
ATOM   136 N N6    . DA  A 1 7  ? 0.977   -2.944  2.083   1.00 20.42  ? 7   DA  A N6    1 
ATOM   137 N N1    . DA  A 1 7  ? -0.139  -2.243  0.182   1.00 17.39  ? 7   DA  A N1    1 
ATOM   138 C C2    . DA  A 1 7  ? -1.300  -2.092  -0.451  1.00 16.87  ? 7   DA  A C2    1 
ATOM   139 N N3    . DA  A 1 7  ? -2.518  -2.441  -0.033  1.00 19.23  ? 7   DA  A N3    1 
ATOM   140 C C4    . DA  A 1 7  ? -2.455  -3.017  1.209   1.00 18.35  ? 7   DA  A C4    1 
ATOM   141 P P     . DA  A 1 8  ? -8.451  -5.613  0.359   1.00 33.61  ? 8   DA  A P     1 
ATOM   142 O OP1   . DA  A 1 8  ? -9.740  -5.181  -0.226  1.00 33.14  ? 8   DA  A OP1   1 
ATOM   143 O OP2   . DA  A 1 8  ? -8.354  -6.890  1.097   1.00 35.13  ? 8   DA  A OP2   1 
ATOM   144 O "O5'" . DA  A 1 8  ? -7.326  -5.724  -0.798  1.00 30.53  ? 8   DA  A "O5'" 1 
ATOM   145 C "C5'" . DA  A 1 8  ? -7.419  -4.794  -1.860  1.00 27.64  ? 8   DA  A "C5'" 1 
ATOM   146 C "C4'" . DA  A 1 8  ? -6.260  -4.895  -2.783  1.00 28.10  ? 8   DA  A "C4'" 1 
ATOM   147 O "O4'" . DA  A 1 8  ? -5.047  -4.723  -2.032  1.00 26.35  ? 8   DA  A "O4'" 1 
ATOM   148 C "C3'" . DA  A 1 8  ? -6.149  -6.211  -3.529  1.00 29.14  ? 8   DA  A "C3'" 1 
ATOM   149 O "O3'" . DA  A 1 8  ? -5.890  -5.879  -4.894  1.00 35.31  ? 8   DA  A "O3'" 1 
ATOM   150 C "C2'" . DA  A 1 8  ? -4.805  -6.749  -3.016  1.00 27.15  ? 8   DA  A "C2'" 1 
ATOM   151 C "C1'" . DA  A 1 8  ? -4.023  -5.494  -2.697  1.00 24.69  ? 8   DA  A "C1'" 1 
ATOM   152 N N9    . DA  A 1 8  ? -2.917  -5.742  -1.770  1.00 20.92  ? 8   DA  A N9    1 
ATOM   153 C C8    . DA  A 1 8  ? -2.984  -6.366  -0.547  1.00 19.07  ? 8   DA  A C8    1 
ATOM   154 N N7    . DA  A 1 8  ? -1.840  -6.381  0.083   1.00 18.82  ? 8   DA  A N7    1 
ATOM   155 C C5    . DA  A 1 8  ? -0.947  -5.721  -0.781  1.00 18.04  ? 8   DA  A C5    1 
ATOM   156 C C6    . DA  A 1 8  ? 0.427   -5.435  -0.692  1.00 17.97  ? 8   DA  A C6    1 
ATOM   157 N N6    . DA  A 1 8  ? 1.129   -5.729  0.407   1.00 19.30  ? 8   DA  A N6    1 
ATOM   158 N N1    . DA  A 1 8  ? 1.031   -4.804  -1.718  1.00 16.25  ? 8   DA  A N1    1 
ATOM   159 C C2    . DA  A 1 8  ? 0.283   -4.486  -2.768  1.00 15.85  ? 8   DA  A C2    1 
ATOM   160 N N3    . DA  A 1 8  ? -1.010  -4.695  -2.980  1.00 17.58  ? 8   DA  A N3    1 
ATOM   161 C C4    . DA  A 1 8  ? -1.586  -5.328  -1.923  1.00 19.33  ? 8   DA  A C4    1 
ATOM   162 P P     . DC  A 1 9  ? -6.177  -6.853  -6.162  1.00 34.15  ? 9   DC  A P     1 
ATOM   163 O OP1   . DC  A 1 9  ? -7.227  -6.356  -7.091  1.00 32.96  ? 9   DC  A OP1   1 
ATOM   164 O OP2   . DC  A 1 9  ? -6.170  -8.230  -5.633  1.00 33.33  ? 9   DC  A OP2   1 
ATOM   165 O "O5'" . DC  A 1 9  ? -4.761  -6.534  -6.757  1.00 32.67  ? 9   DC  A "O5'" 1 
ATOM   166 C "C5'" . DC  A 1 9  ? -4.386  -5.263  -7.225  1.00 34.36  ? 9   DC  A "C5'" 1 
ATOM   167 C "C4'" . DC  A 1 9  ? -2.907  -5.256  -7.543  1.00 36.91  ? 9   DC  A "C4'" 1 
ATOM   168 O "O4'" . DC  A 1 9  ? -2.179  -5.651  -6.346  1.00 36.36  ? 9   DC  A "O4'" 1 
ATOM   169 C "C3'" . DC  A 1 9  ? -2.568  -6.336  -8.582  1.00 39.15  ? 9   DC  A "C3'" 1 
ATOM   170 O "O3'" . DC  A 1 9  ? -1.758  -5.756  -9.601  1.00 43.13  ? 9   DC  A "O3'" 1 
ATOM   171 C "C2'" . DC  A 1 9  ? -1.731  -7.375  -7.801  1.00 36.96  ? 9   DC  A "C2'" 1 
ATOM   172 C "C1'" . DC  A 1 9  ? -1.085  -6.551  -6.721  1.00 34.94  ? 9   DC  A "C1'" 1 
ATOM   173 N N1    . DC  A 1 9  ? -0.627  -7.293  -5.536  1.00 30.89  ? 9   DC  A N1    1 
ATOM   174 C C2    . DC  A 1 9  ? 0.678   -7.091  -5.129  1.00 29.07  ? 9   DC  A C2    1 
ATOM   175 O O2    . DC  A 1 9  ? 1.515   -6.550  -5.851  1.00 29.88  ? 9   DC  A O2    1 
ATOM   176 N N3    . DC  A 1 9  ? 1.052   -7.574  -3.912  1.00 28.62  ? 9   DC  A N3    1 
ATOM   177 C C4    . DC  A 1 9  ? 0.205   -8.241  -3.134  1.00 26.10  ? 9   DC  A C4    1 
ATOM   178 N N4    . DC  A 1 9  ? 0.662   -8.702  -1.977  1.00 24.77  ? 9   DC  A N4    1 
ATOM   179 C C5    . DC  A 1 9  ? -1.144  -8.482  -3.549  1.00 27.80  ? 9   DC  A C5    1 
ATOM   180 C C6    . DC  A 1 9  ? -1.509  -7.988  -4.756  1.00 29.51  ? 9   DC  A C6    1 
ATOM   181 P P     . DG  A 1 10 ? -2.082  -6.301  -11.082 1.00 47.36  ? 10  DG  A P     1 
ATOM   182 O OP1   . DG  A 1 10 ? -2.086  -5.068  -11.916 1.00 45.86  ? 10  DG  A OP1   1 
ATOM   183 O OP2   . DG  A 1 10 ? -3.152  -7.338  -11.177 1.00 43.89  ? 10  DG  A OP2   1 
ATOM   184 O "O5'" . DG  A 1 10 ? -0.661  -7.053  -11.198 1.00 46.27  ? 10  DG  A "O5'" 1 
ATOM   185 C "C5'" . DG  A 1 10 ? 0.572   -6.341  -11.234 1.00 44.39  ? 10  DG  A "C5'" 1 
ATOM   186 C "C4'" . DG  A 1 10 ? 1.726   -7.292  -11.034 1.00 43.74  ? 10  DG  A "C4'" 1 
ATOM   187 O "O4'" . DG  A 1 10 ? 1.584   -7.807  -9.704  1.00 41.55  ? 10  DG  A "O4'" 1 
ATOM   188 C "C3'" . DG  A 1 10 ? 1.717   -8.517  -11.992 1.00 44.54  ? 10  DG  A "C3'" 1 
ATOM   189 O "O3'" . DG  A 1 10 ? 3.070   -8.867  -12.333 1.00 47.45  ? 10  DG  A "O3'" 1 
ATOM   190 C "C2'" . DG  A 1 10 ? 1.136   -9.607  -11.095 1.00 41.25  ? 10  DG  A "C2'" 1 
ATOM   191 C "C1'" . DG  A 1 10 ? 1.748   -9.221  -9.762  1.00 37.52  ? 10  DG  A "C1'" 1 
ATOM   192 N N9    . DG  A 1 10 ? 1.220   -9.855  -8.549  1.00 32.60  ? 10  DG  A N9    1 
ATOM   193 C C8    . DG  A 1 10 ? -0.014  -10.399 -8.280  1.00 30.29  ? 10  DG  A C8    1 
ATOM   194 N N7    . DG  A 1 10 ? -0.123  -10.854 -7.062  1.00 30.56  ? 10  DG  A N7    1 
ATOM   195 C C5    . DG  A 1 10 ? 1.131   -10.598 -6.487  1.00 29.50  ? 10  DG  A C5    1 
ATOM   196 C C6    . DG  A 1 10 ? 1.598   -10.831 -5.163  1.00 29.05  ? 10  DG  A C6    1 
ATOM   197 O O6    . DG  A 1 10 ? 0.999   -11.379 -4.218  1.00 28.63  ? 10  DG  A O6    1 
ATOM   198 N N1    . DG  A 1 10 ? 2.910   -10.372 -5.007  1.00 28.05  ? 10  DG  A N1    1 
ATOM   199 C C2    . DG  A 1 10 ? 3.662   -9.777  -5.990  1.00 28.09  ? 10  DG  A C2    1 
ATOM   200 N N2    . DG  A 1 10 ? 4.876   -9.335  -5.667  1.00 27.93  ? 10  DG  A N2    1 
ATOM   201 N N3    . DG  A 1 10 ? 3.218   -9.567  -7.222  1.00 27.80  ? 10  DG  A N3    1 
ATOM   202 C C4    . DG  A 1 10 ? 1.951   -9.987  -7.395  1.00 29.56  ? 10  DG  A C4    1 
ATOM   203 P P     . DC  A 1 11 ? 3.550   -8.888  -13.891 1.00 53.04  ? 11  DC  A P     1 
ATOM   204 O OP1   . DC  A 1 11 ? 3.284   -7.718  -14.763 1.00 55.42  ? 11  DC  A OP1   1 
ATOM   205 O OP2   . DC  A 1 11 ? 3.280   -10.252 -14.400 1.00 53.75  ? 11  DC  A OP2   1 
ATOM   206 O "O5'" . DC  A 1 11 ? 5.130   -8.826  -13.563 1.00 52.83  ? 11  DC  A "O5'" 1 
ATOM   207 C "C5'" . DC  A 1 11 ? 5.761   -7.659  -13.020 1.00 49.35  ? 11  DC  A "C5'" 1 
ATOM   208 C "C4'" . DC  A 1 11 ? 6.746   -8.064  -11.950 1.00 47.80  ? 11  DC  A "C4'" 1 
ATOM   209 O "O4'" . DC  A 1 11 ? 6.078   -8.828  -10.912 1.00 46.26  ? 11  DC  A "O4'" 1 
ATOM   210 C "C3'" . DC  A 1 11 ? 7.843   -8.963  -12.521 1.00 47.49  ? 11  DC  A "C3'" 1 
ATOM   211 O "O3'" . DC  A 1 11 ? 9.062   -8.597  -11.862 1.00 49.71  ? 11  DC  A "O3'" 1 
ATOM   212 C "C2'" . DC  A 1 11 ? 7.390   -10.326 -12.023 1.00 45.07  ? 11  DC  A "C2'" 1 
ATOM   213 C "C1'" . DC  A 1 11 ? 6.807   -10.044 -10.646 1.00 42.61  ? 11  DC  A "C1'" 1 
ATOM   214 N N1    . DC  A 1 11 ? 5.893   -11.075 -10.103 1.00 38.81  ? 11  DC  A N1    1 
ATOM   215 C C2    . DC  A 1 11 ? 5.964   -11.422 -8.740  1.00 36.53  ? 11  DC  A C2    1 
ATOM   216 O O2    . DC  A 1 11 ? 6.893   -11.108 -8.007  1.00 33.91  ? 11  DC  A O2    1 
ATOM   217 N N3    . DC  A 1 11 ? 4.994   -12.213 -8.223  1.00 35.98  ? 11  DC  A N3    1 
ATOM   218 C C4    . DC  A 1 11 ? 3.997   -12.676 -8.999  1.00 37.08  ? 11  DC  A C4    1 
ATOM   219 N N4    . DC  A 1 11 ? 3.051   -13.430 -8.440  1.00 37.33  ? 11  DC  A N4    1 
ATOM   220 C C5    . DC  A 1 11 ? 3.922   -12.367 -10.397 1.00 36.91  ? 11  DC  A C5    1 
ATOM   221 C C6    . DC  A 1 11 ? 4.887   -11.566 -10.894 1.00 38.58  ? 11  DC  A C6    1 
ATOM   222 P P     . DG  A 1 12 ? 10.453  -8.671  -12.657 1.00 51.29  ? 12  DG  A P     1 
ATOM   223 O OP1   . DG  A 1 12 ? 11.302  -7.582  -12.102 1.00 48.17  ? 12  DG  A OP1   1 
ATOM   224 O OP2   . DG  A 1 12 ? 10.608  -9.130  -14.062 1.00 51.00  ? 12  DG  A OP2   1 
ATOM   225 O "O5'" . DG  A 1 12 ? 10.572  -9.999  -11.748 1.00 48.83  ? 12  DG  A "O5'" 1 
ATOM   226 C "C5'" . DG  A 1 12 ? 11.333  -9.972  -10.543 1.00 45.60  ? 12  DG  A "C5'" 1 
ATOM   227 C "C4'" . DG  A 1 12 ? 11.746  -11.367 -10.126 1.00 42.45  ? 12  DG  A "C4'" 1 
ATOM   228 O "O4'" . DG  A 1 12 ? 10.634  -12.109 -9.610  1.00 41.25  ? 12  DG  A "O4'" 1 
ATOM   229 C "C3'" . DG  A 1 12 ? 12.334  -12.166 -11.284 1.00 40.09  ? 12  DG  A "C3'" 1 
ATOM   230 O "O3'" . DG  A 1 12 ? 13.412  -12.935 -10.775 1.00 40.92  ? 12  DG  A "O3'" 1 
ATOM   231 C "C2'" . DG  A 1 12 ? 11.197  -13.090 -11.611 1.00 39.13  ? 12  DG  A "C2'" 1 
ATOM   232 C "C1'" . DG  A 1 12 ? 10.505  -13.362 -10.291 1.00 38.72  ? 12  DG  A "C1'" 1 
ATOM   233 N N9    . DG  A 1 12 ? 9.082   -13.794 -10.431 1.00 35.89  ? 12  DG  A N9    1 
ATOM   234 C C8    . DG  A 1 12 ? 8.320   -13.788 -11.563 1.00 34.65  ? 12  DG  A C8    1 
ATOM   235 N N7    . DG  A 1 12 ? 7.169   -14.372 -11.432 1.00 34.44  ? 12  DG  A N7    1 
ATOM   236 C C5    . DG  A 1 12 ? 7.150   -14.795 -10.115 1.00 32.92  ? 12  DG  A C5    1 
ATOM   237 C C6    . DG  A 1 12 ? 6.141   -15.497 -9.427  1.00 32.56  ? 12  DG  A C6    1 
ATOM   238 O O6    . DG  A 1 12 ? 5.105   -15.957 -9.888  1.00 32.13  ? 12  DG  A O6    1 
ATOM   239 N N1    . DG  A 1 12 ? 6.479   -15.743 -8.124  1.00 30.66  ? 12  DG  A N1    1 
ATOM   240 C C2    . DG  A 1 12 ? 7.656   -15.389 -7.538  1.00 30.01  ? 12  DG  A C2    1 
ATOM   241 N N2    . DG  A 1 12 ? 7.829   -15.851 -6.299  1.00 30.84  ? 12  DG  A N2    1 
ATOM   242 N N3    . DG  A 1 12 ? 8.631   -14.715 -8.174  1.00 31.46  ? 12  DG  A N3    1 
ATOM   243 C C4    . DG  A 1 12 ? 8.306   -14.449 -9.472  1.00 33.55  ? 12  DG  A C4    1 
ATOM   244 O "O5'" . DC  B 1 1  ? 2.021   -22.248 -2.126  1.00 54.35  ? 13  DC  B "O5'" 1 
ATOM   245 C "C5'" . DC  B 1 1  ? 2.743   -21.518 -3.130  1.00 53.27  ? 13  DC  B "C5'" 1 
ATOM   246 C "C4'" . DC  B 1 1  ? 3.456   -20.317 -2.502  1.00 51.92  ? 13  DC  B "C4'" 1 
ATOM   247 O "O4'" . DC  B 1 1  ? 4.266   -19.610 -3.417  1.00 50.38  ? 13  DC  B "O4'" 1 
ATOM   248 C "C3'" . DC  B 1 1  ? 2.499   -19.269 -1.917  1.00 53.02  ? 13  DC  B "C3'" 1 
ATOM   249 O "O3'" . DC  B 1 1  ? 3.148   -18.456 -0.922  1.00 55.82  ? 13  DC  B "O3'" 1 
ATOM   250 C "C2'" . DC  B 1 1  ? 2.265   -18.410 -3.111  1.00 49.57  ? 13  DC  B "C2'" 1 
ATOM   251 C "C1'" . DC  B 1 1  ? 3.645   -18.361 -3.756  1.00 49.60  ? 13  DC  B "C1'" 1 
ATOM   252 N N1    . DC  B 1 1  ? 3.581   -18.165 -5.219  1.00 47.62  ? 13  DC  B N1    1 
ATOM   253 C C2    . DC  B 1 1  ? 4.493   -17.318 -5.811  1.00 45.81  ? 13  DC  B C2    1 
ATOM   254 O O2    . DC  B 1 1  ? 5.482   -16.932 -5.199  1.00 42.87  ? 13  DC  B O2    1 
ATOM   255 N N3    . DC  B 1 1  ? 4.338   -17.037 -7.130  1.00 47.06  ? 13  DC  B N3    1 
ATOM   256 C C4    . DC  B 1 1  ? 3.340   -17.602 -7.846  1.00 48.23  ? 13  DC  B C4    1 
ATOM   257 N N4    . DC  B 1 1  ? 3.208   -17.377 -9.145  1.00 48.09  ? 13  DC  B N4    1 
ATOM   258 C C5    . DC  B 1 1  ? 2.413   -18.494 -7.254  1.00 48.99  ? 13  DC  B C5    1 
ATOM   259 C C6    . DC  B 1 1  ? 2.576   -18.734 -5.942  1.00 48.99  ? 13  DC  B C6    1 
ATOM   260 P P     . DG  B 1 2  ? 4.111   -19.066 0.224   1.00 58.86  ? 14  DG  B P     1 
ATOM   261 O OP1   . DG  B 1 2  ? 4.205   -20.554 0.293   1.00 57.17  ? 14  DG  B OP1   1 
ATOM   262 O OP2   . DG  B 1 2  ? 2.893   -18.380 0.733   1.00 57.18  ? 14  DG  B OP2   1 
ATOM   263 O "O5'" . DG  B 1 2  ? 5.370   -18.426 1.018   1.00 56.13  ? 14  DG  B "O5'" 1 
ATOM   264 C "C5'" . DG  B 1 2  ? 6.707   -18.509 0.503   1.00 49.70  ? 14  DG  B "C5'" 1 
ATOM   265 C "C4'" . DG  B 1 2  ? 7.260   -17.169 0.035   1.00 45.41  ? 14  DG  B "C4'" 1 
ATOM   266 O "O4'" . DG  B 1 2  ? 6.741   -16.799 -1.242  1.00 42.67  ? 14  DG  B "O4'" 1 
ATOM   267 C "C3'" . DG  B 1 2  ? 6.939   -16.040 1.043   1.00 43.16  ? 14  DG  B "C3'" 1 
ATOM   268 O "O3'" . DG  B 1 2  ? 8.028   -15.164 1.212   1.00 42.45  ? 14  DG  B "O3'" 1 
ATOM   269 C "C2'" . DG  B 1 2  ? 5.996   -15.207 0.215   1.00 42.82  ? 14  DG  B "C2'" 1 
ATOM   270 C "C1'" . DG  B 1 2  ? 6.490   -15.379 -1.221  1.00 40.66  ? 14  DG  B "C1'" 1 
ATOM   271 N N9    . DG  B 1 2  ? 5.423   -14.983 -2.186  1.00 36.66  ? 14  DG  B N9    1 
ATOM   272 C C8    . DG  B 1 2  ? 4.073   -15.281 -2.135  1.00 34.26  ? 14  DG  B C8    1 
ATOM   273 N N7    . DG  B 1 2  ? 3.394   -14.867 -3.162  1.00 32.24  ? 14  DG  B N7    1 
ATOM   274 C C5    . DG  B 1 2  ? 4.355   -14.253 -3.953  1.00 30.75  ? 14  DG  B C5    1 
ATOM   275 C C6    . DG  B 1 2  ? 4.182   -13.624 -5.196  1.00 29.77  ? 14  DG  B C6    1 
ATOM   276 O O6    . DG  B 1 2  ? 3.137   -13.620 -5.859  1.00 28.85  ? 14  DG  B O6    1 
ATOM   277 N N1    . DG  B 1 2  ? 5.395   -13.082 -5.660  1.00 27.67  ? 14  DG  B N1    1 
ATOM   278 C C2    . DG  B 1 2  ? 6.619   -13.153 -4.997  1.00 27.11  ? 14  DG  B C2    1 
ATOM   279 N N2    . DG  B 1 2  ? 7.679   -12.537 -5.525  1.00 25.44  ? 14  DG  B N2    1 
ATOM   280 N N3    . DG  B 1 2  ? 6.767   -13.775 -3.825  1.00 28.76  ? 14  DG  B N3    1 
ATOM   281 C C4    . DG  B 1 2  ? 5.600   -14.302 -3.368  1.00 31.75  ? 14  DG  B C4    1 
ATOM   282 P P     . DC  B 1 3  ? 8.215   -14.373 2.577   1.00 39.42  ? 15  DC  B P     1 
ATOM   283 O OP1   . DC  B 1 3  ? 9.300   -15.112 3.243   1.00 40.04  ? 15  DC  B OP1   1 
ATOM   284 O OP2   . DC  B 1 3  ? 6.966   -14.079 3.322   1.00 41.75  ? 15  DC  B OP2   1 
ATOM   285 O "O5'" . DC  B 1 3  ? 8.792   -12.983 2.064   1.00 34.05  ? 15  DC  B "O5'" 1 
ATOM   286 C "C5'" . DC  B 1 3  ? 9.864   -12.883 1.151   1.00 30.06  ? 15  DC  B "C5'" 1 
ATOM   287 C "C4'" . DC  B 1 3  ? 9.587   -11.856 0.070   1.00 28.54  ? 15  DC  B "C4'" 1 
ATOM   288 O "O4'" . DC  B 1 3  ? 8.321   -12.213 -0.550  1.00 27.82  ? 15  DC  B "O4'" 1 
ATOM   289 C "C3'" . DC  B 1 3  ? 9.383   -10.490 0.637   1.00 27.86  ? 15  DC  B "C3'" 1 
ATOM   290 O "O3'" . DC  B 1 3  ? 10.298  -9.498  0.210   1.00 30.35  ? 15  DC  B "O3'" 1 
ATOM   291 C "C2'" . DC  B 1 3  ? 8.104   -10.046 -0.035  1.00 27.83  ? 15  DC  B "C2'" 1 
ATOM   292 C "C1'" . DC  B 1 3  ? 7.751   -11.019 -1.121  1.00 26.18  ? 15  DC  B "C1'" 1 
ATOM   293 N N1    . DC  B 1 3  ? 6.278   -11.094 -1.304  1.00 24.07  ? 15  DC  B N1    1 
ATOM   294 C C2    . DC  B 1 3  ? 5.692   -10.662 -2.504  1.00 24.38  ? 15  DC  B C2    1 
ATOM   295 O O2    . DC  B 1 3  ? 6.299   -10.008 -3.364  1.00 23.07  ? 15  DC  B O2    1 
ATOM   296 N N3    . DC  B 1 3  ? 4.357   -10.869 -2.672  1.00 24.00  ? 15  DC  B N3    1 
ATOM   297 C C4    . DC  B 1 3  ? 3.626   -11.448 -1.710  1.00 25.12  ? 15  DC  B C4    1 
ATOM   298 N N4    . DC  B 1 3  ? 2.319   -11.682 -1.920  1.00 26.70  ? 15  DC  B N4    1 
ATOM   299 C C5    . DC  B 1 3  ? 4.219   -11.862 -0.481  1.00 25.13  ? 15  DC  B C5    1 
ATOM   300 C C6    . DC  B 1 3  ? 5.542   -11.665 -0.332  1.00 23.87  ? 15  DC  B C6    1 
ATOM   301 P P     . DG  B 1 4  ? 10.748  -8.393  1.351   1.00 31.42  ? 16  DG  B P     1 
ATOM   302 O OP1   . DG  B 1 4  ? 12.124  -8.086  1.786   1.00 32.73  ? 16  DG  B OP1   1 
ATOM   303 O OP2   . DG  B 1 4  ? 9.638   -8.291  2.338   1.00 30.81  ? 16  DG  B OP2   1 
ATOM   304 O "O5'" . DG  B 1 4  ? 10.412  -7.297  0.235   1.00 32.54  ? 16  DG  B "O5'" 1 
ATOM   305 C "C5'" . DG  B 1 4  ? 11.319  -7.097  -0.844  1.00 35.27  ? 16  DG  B "C5'" 1 
ATOM   306 C "C4'" . DG  B 1 4  ? 10.741  -6.201  -1.927  1.00 35.70  ? 16  DG  B "C4'" 1 
ATOM   307 O "O4'" . DG  B 1 4  ? 9.434   -6.665  -2.377  1.00 34.92  ? 16  DG  B "O4'" 1 
ATOM   308 C "C3'" . DG  B 1 4  ? 10.565  -4.794  -1.422  1.00 37.03  ? 16  DG  B "C3'" 1 
ATOM   309 O "O3'" . DG  B 1 4  ? 10.838  -3.971  -2.569  1.00 40.70  ? 16  DG  B "O3'" 1 
ATOM   310 C "C2'" . DG  B 1 4  ? 9.092   -4.859  -1.009  1.00 33.85  ? 16  DG  B "C2'" 1 
ATOM   311 C "C1'" . DG  B 1 4  ? 8.399   -5.678  -2.092  1.00 29.85  ? 16  DG  B "C1'" 1 
ATOM   312 N N9    . DG  B 1 4  ? 7.146   -6.291  -1.582  1.00 22.85  ? 16  DG  B N9    1 
ATOM   313 C C8    . DG  B 1 4  ? 6.918   -6.757  -0.320  1.00 20.66  ? 16  DG  B C8    1 
ATOM   314 N N7    . DG  B 1 4  ? 5.760   -7.312  -0.149  1.00 19.89  ? 16  DG  B N7    1 
ATOM   315 C C5    . DG  B 1 4  ? 5.158   -7.187  -1.404  1.00 18.25  ? 16  DG  B C5    1 
ATOM   316 C C6    . DG  B 1 4  ? 3.818   -7.475  -1.778  1.00 19.27  ? 16  DG  B C6    1 
ATOM   317 O O6    . DG  B 1 4  ? 2.924   -8.032  -1.133  1.00 18.93  ? 16  DG  B O6    1 
ATOM   318 N N1    . DG  B 1 4  ? 3.567   -7.091  -3.073  1.00 19.63  ? 16  DG  B N1    1 
ATOM   319 C C2    . DG  B 1 4  ? 4.477   -6.511  -3.928  1.00 18.84  ? 16  DG  B C2    1 
ATOM   320 N N2    . DG  B 1 4  ? 4.050   -6.323  -5.185  1.00 18.44  ? 16  DG  B N2    1 
ATOM   321 N N3    . DG  B 1 4  ? 5.735   -6.207  -3.570  1.00 17.82  ? 16  DG  B N3    1 
ATOM   322 C C4    . DG  B 1 4  ? 5.996   -6.569  -2.290  1.00 19.50  ? 16  DG  B C4    1 
ATOM   323 P P     . DT  B 1 5  ? 10.648  -2.369  -2.677  1.00 46.61  ? 17  DT  B P     1 
ATOM   324 O OP1   . DT  B 1 5  ? 11.599  -1.767  -3.644  1.00 48.05  ? 17  DT  B OP1   1 
ATOM   325 O OP2   . DT  B 1 5  ? 10.662  -1.960  -1.248  1.00 46.50  ? 17  DT  B OP2   1 
ATOM   326 O "O5'" . DT  B 1 5  ? 9.178   -2.226  -3.270  1.00 44.74  ? 17  DT  B "O5'" 1 
ATOM   327 C "C5'" . DT  B 1 5  ? 9.083   -2.730  -4.600  1.00 43.91  ? 17  DT  B "C5'" 1 
ATOM   328 C "C4'" . DT  B 1 5  ? 7.727   -2.459  -5.232  1.00 44.87  ? 17  DT  B "C4'" 1 
ATOM   329 O "O4'" . DT  B 1 5  ? 6.654   -3.148  -4.528  1.00 43.60  ? 17  DT  B "O4'" 1 
ATOM   330 C "C3'" . DT  B 1 5  ? 7.395   -0.968  -5.201  1.00 45.65  ? 17  DT  B "C3'" 1 
ATOM   331 O "O3'" . DT  B 1 5  ? 6.746   -0.669  -6.444  1.00 48.34  ? 17  DT  B "O3'" 1 
ATOM   332 C "C2'" . DT  B 1 5  ? 6.406   -0.919  -4.024  1.00 42.89  ? 17  DT  B "C2'" 1 
ATOM   333 C "C1'" . DT  B 1 5  ? 5.623   -2.254  -4.058  1.00 36.64  ? 17  DT  B "C1'" 1 
ATOM   334 N N1    . DT  B 1 5  ? 5.161   -2.776  -2.741  1.00 28.87  ? 17  DT  B N1    1 
ATOM   335 C C2    . DT  B 1 5  ? 3.962   -3.382  -2.645  1.00 24.56  ? 17  DT  B C2    1 
ATOM   336 O O2    . DT  B 1 5  ? 3.158   -3.452  -3.555  1.00 25.93  ? 17  DT  B O2    1 
ATOM   337 N N3    . DT  B 1 5  ? 3.611   -3.917  -1.438  1.00 23.70  ? 17  DT  B N3    1 
ATOM   338 C C4    . DT  B 1 5  ? 4.357   -3.889  -0.292  1.00 22.61  ? 17  DT  B C4    1 
ATOM   339 O O4    . DT  B 1 5  ? 3.978   -4.441  0.729   1.00 21.78  ? 17  DT  B O4    1 
ATOM   340 C C5    . DT  B 1 5  ? 5.591   -3.218  -0.450  1.00 24.67  ? 17  DT  B C5    1 
ATOM   341 C C7    . DT  B 1 5  ? 6.501   -3.050  0.772   1.00 24.48  ? 17  DT  B C7    1 
ATOM   342 C C6    . DT  B 1 5  ? 5.950   -2.698  -1.639  1.00 27.44  ? 17  DT  B C6    1 
ATOM   343 P P     . DT  B 1 6  ? 6.833   0.817   -7.074  1.00 51.04  ? 18  DT  B P     1 
ATOM   344 O OP1   . DT  B 1 6  ? 7.033   0.676   -8.541  1.00 52.86  ? 18  DT  B OP1   1 
ATOM   345 O OP2   . DT  B 1 6  ? 7.571   1.877   -6.325  1.00 49.98  ? 18  DT  B OP2   1 
ATOM   346 O "O5'" . DT  B 1 6  ? 5.213   1.014   -6.805  1.00 46.45  ? 18  DT  B "O5'" 1 
ATOM   347 C "C5'" . DT  B 1 6  ? 4.204   0.351   -7.571  1.00 39.95  ? 18  DT  B "C5'" 1 
ATOM   348 C "C4'" . DT  B 1 6  ? 2.844   0.372   -6.892  1.00 38.65  ? 18  DT  B "C4'" 1 
ATOM   349 O "O4'" . DT  B 1 6  ? 2.927   -0.274  -5.610  1.00 36.80  ? 18  DT  B "O4'" 1 
ATOM   350 C "C3'" . DT  B 1 6  ? 2.329   1.779   -6.589  1.00 38.30  ? 18  DT  B "C3'" 1 
ATOM   351 O "O3'" . DT  B 1 6  ? 0.915   1.812   -6.756  1.00 40.09  ? 18  DT  B "O3'" 1 
ATOM   352 C "C2'" . DT  B 1 6  ? 2.584   1.905   -5.098  1.00 35.64  ? 18  DT  B "C2'" 1 
ATOM   353 C "C1'" . DT  B 1 6  ? 2.206   0.521   -4.653  1.00 32.84  ? 18  DT  B "C1'" 1 
ATOM   354 N N1    . DT  B 1 6  ? 2.456   0.221   -3.225  1.00 28.24  ? 18  DT  B N1    1 
ATOM   355 C C2    . DT  B 1 6  ? 1.516   -0.589  -2.603  1.00 26.57  ? 18  DT  B C2    1 
ATOM   356 O O2    . DT  B 1 6  ? 0.493   -1.001  -3.171  1.00 27.07  ? 18  DT  B O2    1 
ATOM   357 N N3    . DT  B 1 6  ? 1.806   -0.935  -1.295  1.00 22.85  ? 18  DT  B N3    1 
ATOM   358 C C4    . DT  B 1 6  ? 2.919   -0.556  -0.585  1.00 22.55  ? 18  DT  B C4    1 
ATOM   359 O O4    . DT  B 1 6  ? 3.127   -1.019  0.539   1.00 25.08  ? 18  DT  B O4    1 
ATOM   360 C C5    . DT  B 1 6  ? 3.807   0.292   -1.299  1.00 21.56  ? 18  DT  B C5    1 
ATOM   361 C C7    . DT  B 1 6  ? 4.986   0.839   -0.593  1.00 21.83  ? 18  DT  B C7    1 
ATOM   362 C C6    . DT  B 1 6  ? 3.573   0.647   -2.562  1.00 24.71  ? 18  DT  B C6    1 
ATOM   363 P P     . DA  B 1 7  ? 0.315   2.722   -7.910  1.00 41.14  ? 19  DA  B P     1 
ATOM   364 O OP1   . DA  B 1 7  ? 0.542   2.007   -9.191  1.00 43.20  ? 19  DA  B OP1   1 
ATOM   365 O OP2   . DA  B 1 7  ? 0.852   4.091   -7.734  1.00 41.31  ? 19  DA  B OP2   1 
ATOM   366 O "O5'" . DA  B 1 7  ? -1.231  2.705   -7.547  1.00 38.03  ? 19  DA  B "O5'" 1 
ATOM   367 C "C5'" . DA  B 1 7  ? -2.073  1.629   -7.957  1.00 35.53  ? 19  DA  B "C5'" 1 
ATOM   368 C "C4'" . DA  B 1 7  ? -3.083  1.347   -6.865  1.00 34.66  ? 19  DA  B "C4'" 1 
ATOM   369 O "O4'" . DA  B 1 7  ? -2.375  1.024   -5.630  1.00 33.44  ? 19  DA  B "O4'" 1 
ATOM   370 C "C3'" . DA  B 1 7  ? -3.947  2.589   -6.584  1.00 33.94  ? 19  DA  B "C3'" 1 
ATOM   371 O "O3'" . DA  B 1 7  ? -5.267  2.134   -6.376  1.00 36.37  ? 19  DA  B "O3'" 1 
ATOM   372 C "C2'" . DA  B 1 7  ? -3.381  3.054   -5.255  1.00 32.48  ? 19  DA  B "C2'" 1 
ATOM   373 C "C1'" . DA  B 1 7  ? -2.960  1.770   -4.541  1.00 30.47  ? 19  DA  B "C1'" 1 
ATOM   374 N N9    . DA  B 1 7  ? -1.976  2.020   -3.466  1.00 26.69  ? 19  DA  B N9    1 
ATOM   375 C C8    . DA  B 1 7  ? -0.778  2.686   -3.569  1.00 25.26  ? 19  DA  B C8    1 
ATOM   376 N N7    . DA  B 1 7  ? -0.080  2.703   -2.461  1.00 23.86  ? 19  DA  B N7    1 
ATOM   377 C C5    . DA  B 1 7  ? -0.859  2.009   -1.567  1.00 21.35  ? 19  DA  B C5    1 
ATOM   378 C C6    . DA  B 1 7  ? -0.650  1.691   -0.236  1.00 21.81  ? 19  DA  B C6    1 
ATOM   379 N N6    . DA  B 1 7  ? 0.492   2.009   0.386   1.00 22.35  ? 19  DA  B N6    1 
ATOM   380 N N1    . DA  B 1 7  ? -1.635  1.025   0.407   1.00 21.88  ? 19  DA  B N1    1 
ATOM   381 C C2    . DA  B 1 7  ? -2.740  0.704   -0.276  1.00 22.66  ? 19  DA  B C2    1 
ATOM   382 N N3    . DA  B 1 7  ? -3.039  0.936   -1.554  1.00 22.76  ? 19  DA  B N3    1 
ATOM   383 C C4    . DA  B 1 7  ? -2.032  1.599   -2.154  1.00 23.35  ? 19  DA  B C4    1 
ATOM   384 P P     . DA  B 1 8  ? -6.591  3.049   -6.599  1.00 38.82  ? 20  DA  B P     1 
ATOM   385 O OP1   . DA  B 1 8  ? -7.780  2.398   -7.218  1.00 41.57  ? 20  DA  B OP1   1 
ATOM   386 O OP2   . DA  B 1 8  ? -6.155  4.369   -7.105  1.00 40.21  ? 20  DA  B OP2   1 
ATOM   387 O "O5'" . DA  B 1 8  ? -6.971  3.195   -5.077  1.00 36.99  ? 20  DA  B "O5'" 1 
ATOM   388 C "C5'" . DA  B 1 8  ? -7.502  2.040   -4.467  1.00 32.72  ? 20  DA  B "C5'" 1 
ATOM   389 C "C4'" . DA  B 1 8  ? -7.571  2.229   -2.979  1.00 32.77  ? 20  DA  B "C4'" 1 
ATOM   390 O "O4'" . DA  B 1 8  ? -6.247  2.482   -2.441  1.00 31.45  ? 20  DA  B "O4'" 1 
ATOM   391 C "C3'" . DA  B 1 8  ? -8.376  3.461   -2.657  1.00 32.26  ? 20  DA  B "C3'" 1 
ATOM   392 O "O3'" . DA  B 1 8  ? -9.300  3.019   -1.686  1.00 32.35  ? 20  DA  B "O3'" 1 
ATOM   393 C "C2'" . DA  B 1 8  ? -7.300  4.424   -2.087  1.00 29.60  ? 20  DA  B "C2'" 1 
ATOM   394 C "C1'" . DA  B 1 8  ? -6.290  3.506   -1.432  1.00 28.12  ? 20  DA  B "C1'" 1 
ATOM   395 N N9    . DA  B 1 8  ? -4.935  4.072   -1.162  1.00 24.58  ? 20  DA  B N9    1 
ATOM   396 C C8    . DA  B 1 8  ? -4.093  4.781   -1.992  1.00 21.62  ? 20  DA  B C8    1 
ATOM   397 N N7    . DA  B 1 8  ? -2.920  5.045   -1.465  1.00 20.52  ? 20  DA  B N7    1 
ATOM   398 C C5    . DA  B 1 8  ? -2.990  4.483   -0.204  1.00 20.16  ? 20  DA  B C5    1 
ATOM   399 C C6    . DA  B 1 8  ? -2.081  4.459   0.839   1.00 21.02  ? 20  DA  B C6    1 
ATOM   400 N N6    . DA  B 1 8  ? -0.905  5.054   0.736   1.00 21.16  ? 20  DA  B N6    1 
ATOM   401 N N1    . DA  B 1 8  ? -2.433  3.837   1.987   1.00 24.17  ? 20  DA  B N1    1 
ATOM   402 C C2    . DA  B 1 8  ? -3.654  3.290   2.058   1.00 24.32  ? 20  DA  B C2    1 
ATOM   403 N N3    . DA  B 1 8  ? -4.617  3.261   1.130   1.00 24.32  ? 20  DA  B N3    1 
ATOM   404 C C4    . DA  B 1 8  ? -4.202  3.888   0.001   1.00 22.03  ? 20  DA  B C4    1 
ATOM   405 P P     . DC  B 1 9  ? -10.485 3.990   -1.267  1.00 36.31  ? 21  DC  B P     1 
ATOM   406 O OP1   . DC  B 1 9  ? -11.642 3.075   -1.065  1.00 38.31  ? 21  DC  B OP1   1 
ATOM   407 O OP2   . DC  B 1 9  ? -10.595 5.110   -2.229  1.00 37.38  ? 21  DC  B OP2   1 
ATOM   408 O "O5'" . DC  B 1 9  ? -9.898  4.505   0.132   1.00 35.55  ? 21  DC  B "O5'" 1 
ATOM   409 C "C5'" . DC  B 1 9  ? -9.939  3.658   1.271   1.00 34.16  ? 21  DC  B "C5'" 1 
ATOM   410 C "C4'" . DC  B 1 9  ? -9.412  4.326   2.534   1.00 34.49  ? 21  DC  B "C4'" 1 
ATOM   411 O "O4'" . DC  B 1 9  ? -8.048  4.726   2.324   1.00 32.46  ? 21  DC  B "O4'" 1 
ATOM   412 C "C3'" . DC  B 1 9  ? -10.158 5.624   2.800   1.00 35.92  ? 21  DC  B "C3'" 1 
ATOM   413 O "O3'" . DC  B 1 9  ? -10.622 5.566   4.157   1.00 40.51  ? 21  DC  B "O3'" 1 
ATOM   414 C "C2'" . DC  B 1 9  ? -9.064  6.692   2.625   1.00 33.11  ? 21  DC  B "C2'" 1 
ATOM   415 C "C1'" . DC  B 1 9  ? -7.770  5.992   2.968   1.00 30.75  ? 21  DC  B "C1'" 1 
ATOM   416 N N1    . DC  B 1 9  ? -6.495  6.595   2.420   1.00 27.85  ? 21  DC  B N1    1 
ATOM   417 C C2    . DC  B 1 9  ? -5.325  6.564   3.199   1.00 27.34  ? 21  DC  B C2    1 
ATOM   418 O O2    . DC  B 1 9  ? -5.281  6.168   4.367   1.00 30.30  ? 21  DC  B O2    1 
ATOM   419 N N3    . DC  B 1 9  ? -4.158  7.005   2.656   1.00 25.15  ? 21  DC  B N3    1 
ATOM   420 C C4    . DC  B 1 9  ? -4.091  7.467   1.405   1.00 22.59  ? 21  DC  B C4    1 
ATOM   421 N N4    . DC  B 1 9  ? -2.908  7.933   0.976   1.00 19.88  ? 21  DC  B N4    1 
ATOM   422 C C5    . DC  B 1 9  ? -5.263  7.504   0.586   1.00 22.83  ? 21  DC  B C5    1 
ATOM   423 C C6    . DC  B 1 9  ? -6.430  7.067   1.132   1.00 25.84  ? 21  DC  B C6    1 
ATOM   424 P P     . DG  B 1 10 ? -12.019 6.344   4.486   1.00 39.15  ? 22  DG  B P     1 
ATOM   425 O OP1   . DG  B 1 10 ? -12.620 5.217   5.236   1.00 39.54  ? 22  DG  B OP1   1 
ATOM   426 O OP2   . DG  B 1 10 ? -12.805 7.219   3.581   1.00 37.79  ? 22  DG  B OP2   1 
ATOM   427 O "O5'" . DG  B 1 10 ? -11.314 7.315   5.554   1.00 37.00  ? 22  DG  B "O5'" 1 
ATOM   428 C "C5'" . DG  B 1 10 ? -10.659 6.920   6.757   1.00 34.04  ? 22  DG  B "C5'" 1 
ATOM   429 C "C4'" . DG  B 1 10 ? -9.794  8.072   7.283   1.00 32.61  ? 22  DG  B "C4'" 1 
ATOM   430 O "O4'" . DG  B 1 10 ? -8.606  8.237   6.496   1.00 30.62  ? 22  DG  B "O4'" 1 
ATOM   431 C "C3'" . DG  B 1 10 ? -10.540 9.406   7.130   1.00 34.44  ? 22  DG  B "C3'" 1 
ATOM   432 O "O3'" . DG  B 1 10 ? -10.149 10.365  8.135   1.00 39.46  ? 22  DG  B "O3'" 1 
ATOM   433 C "C2'" . DG  B 1 10 ? -9.975  9.914   5.855   1.00 30.86  ? 22  DG  B "C2'" 1 
ATOM   434 C "C1'" . DG  B 1 10 ? -8.539  9.564   6.028   1.00 28.60  ? 22  DG  B "C1'" 1 
ATOM   435 N N9    . DG  B 1 10 ? -7.736  9.775   4.832   1.00 26.97  ? 22  DG  B N9    1 
ATOM   436 C C8    . DG  B 1 10 ? -8.123  10.011  3.525   1.00 27.23  ? 22  DG  B C8    1 
ATOM   437 N N7    . DG  B 1 10 ? -7.124  10.223  2.703   1.00 27.72  ? 22  DG  B N7    1 
ATOM   438 C C5    . DG  B 1 10 ? -6.005  10.126  3.541   1.00 25.62  ? 22  DG  B C5    1 
ATOM   439 C C6    . DG  B 1 10 ? -4.648  10.324  3.241   1.00 24.47  ? 22  DG  B C6    1 
ATOM   440 O O6    . DG  B 1 10 ? -4.169  10.497  2.130   1.00 26.02  ? 22  DG  B O6    1 
ATOM   441 N N1    . DG  B 1 10 ? -3.828  10.229  4.354   1.00 24.45  ? 22  DG  B N1    1 
ATOM   442 C C2    . DG  B 1 10 ? -4.290  9.947   5.629   1.00 26.07  ? 22  DG  B C2    1 
ATOM   443 N N2    . DG  B 1 10 ? -3.397  9.903   6.612   1.00 24.90  ? 22  DG  B N2    1 
ATOM   444 N N3    . DG  B 1 10 ? -5.584  9.738   5.923   1.00 25.24  ? 22  DG  B N3    1 
ATOM   445 C C4    . DG  B 1 10 ? -6.376  9.850   4.834   1.00 26.03  ? 22  DG  B C4    1 
ATOM   446 P P     . DC  B 1 11 ? -10.977 10.449  9.496   1.00 41.01  ? 23  DC  B P     1 
ATOM   447 O OP1   . DC  B 1 11 ? -11.434 9.232   10.212  1.00 42.13  ? 23  DC  B OP1   1 
ATOM   448 O OP2   . DC  B 1 11 ? -11.957 11.371  8.852   1.00 41.28  ? 23  DC  B OP2   1 
ATOM   449 O "O5'" . DC  B 1 11 ? -10.096 11.336  10.485  1.00 41.49  ? 23  DC  B "O5'" 1 
ATOM   450 C "C5'" . DC  B 1 11 ? -9.287  10.638  11.406  1.00 39.51  ? 23  DC  B "C5'" 1 
ATOM   451 C "C4'" . DC  B 1 11 ? -7.854  11.113  11.380  1.00 38.00  ? 23  DC  B "C4'" 1 
ATOM   452 O "O4'" . DC  B 1 11 ? -7.544  11.051  9.969   1.00 34.87  ? 23  DC  B "O4'" 1 
ATOM   453 C "C3'" . DC  B 1 11 ? -7.751  12.600  11.618  1.00 38.57  ? 23  DC  B "C3'" 1 
ATOM   454 O "O3'" . DC  B 1 11 ? -7.364  12.896  12.971  1.00 42.91  ? 23  DC  B "O3'" 1 
ATOM   455 C "C2'" . DC  B 1 11 ? -6.476  12.872  10.809  1.00 34.78  ? 23  DC  B "C2'" 1 
ATOM   456 C "C1'" . DC  B 1 11 ? -6.443  11.899  9.676   1.00 31.44  ? 23  DC  B "C1'" 1 
ATOM   457 N N1    . DC  B 1 11 ? -6.622  12.508  8.343   1.00 27.75  ? 23  DC  B N1    1 
ATOM   458 C C2    . DC  B 1 11 ? -5.496  12.810  7.613   1.00 26.61  ? 23  DC  B C2    1 
ATOM   459 O O2    . DC  B 1 11 ? -4.383  12.816  8.107   1.00 26.99  ? 23  DC  B O2    1 
ATOM   460 N N3    . DC  B 1 11 ? -5.593  13.213  6.338   1.00 26.83  ? 23  DC  B N3    1 
ATOM   461 C C4    . DC  B 1 11 ? -6.774  13.354  5.777   1.00 27.28  ? 23  DC  B C4    1 
ATOM   462 N N4    . DC  B 1 11 ? -6.791  13.711  4.502   1.00 28.99  ? 23  DC  B N4    1 
ATOM   463 C C5    . DC  B 1 11 ? -7.977  13.090  6.504   1.00 28.25  ? 23  DC  B C5    1 
ATOM   464 C C6    . DC  B 1 11 ? -7.847  12.664  7.782   1.00 27.74  ? 23  DC  B C6    1 
ATOM   465 P P     . DG  B 1 12 ? -7.951  14.282  13.617  1.00 41.63  ? 24  DG  B P     1 
ATOM   466 O OP1   . DG  B 1 12 ? -7.759  13.823  15.016  1.00 39.03  ? 24  DG  B OP1   1 
ATOM   467 O OP2   . DG  B 1 12 ? -9.235  14.875  13.161  1.00 40.13  ? 24  DG  B OP2   1 
ATOM   468 O "O5'" . DG  B 1 12 ? -6.775  15.249  13.214  1.00 39.23  ? 24  DG  B "O5'" 1 
ATOM   469 C "C5'" . DG  B 1 12 ? -5.588  14.908  13.908  1.00 38.18  ? 24  DG  B "C5'" 1 
ATOM   470 C "C4'" . DG  B 1 12 ? -4.427  15.636  13.387  1.00 37.97  ? 24  DG  B "C4'" 1 
ATOM   471 O "O4'" . DG  B 1 12 ? -4.294  15.201  12.012  1.00 36.01  ? 24  DG  B "O4'" 1 
ATOM   472 C "C3'" . DG  B 1 12 ? -4.828  17.094  13.416  1.00 36.61  ? 24  DG  B "C3'" 1 
ATOM   473 O "O3'" . DG  B 1 12 ? -4.062  17.730  14.430  1.00 40.04  ? 24  DG  B "O3'" 1 
ATOM   474 C "C2'" . DG  B 1 12 ? -4.290  17.565  12.071  1.00 36.07  ? 24  DG  B "C2'" 1 
ATOM   475 C "C1'" . DG  B 1 12 ? -4.035  16.348  11.161  1.00 32.83  ? 24  DG  B "C1'" 1 
ATOM   476 N N9    . DG  B 1 12 ? -4.905  16.389  9.966   1.00 26.64  ? 24  DG  B N9    1 
ATOM   477 C C8    . DG  B 1 12 ? -6.267  16.228  9.953   1.00 26.13  ? 24  DG  B C8    1 
ATOM   478 N N7    . DG  B 1 12 ? -6.823  16.322  8.786   1.00 25.00  ? 24  DG  B N7    1 
ATOM   479 C C5    . DG  B 1 12 ? -5.744  16.565  7.945   1.00 24.20  ? 24  DG  B C5    1 
ATOM   480 C C6    . DG  B 1 12 ? -5.755  16.750  6.549   1.00 22.87  ? 24  DG  B C6    1 
ATOM   481 O O6    . DG  B 1 12 ? -6.733  16.639  5.823   1.00 22.96  ? 24  DG  B O6    1 
ATOM   482 N N1    . DG  B 1 12 ? -4.483  17.002  6.034   1.00 18.36  ? 24  DG  B N1    1 
ATOM   483 C C2    . DG  B 1 12 ? -3.355  17.055  6.791   1.00 18.93  ? 24  DG  B C2    1 
ATOM   484 N N2    . DG  B 1 12 ? -2.260  17.439  6.169   1.00 20.88  ? 24  DG  B N2    1 
ATOM   485 N N3    . DG  B 1 12 ? -3.316  16.847  8.123   1.00 20.95  ? 24  DG  B N3    1 
ATOM   486 C C4    . DG  B 1 12 ? -4.554  16.615  8.640   1.00 24.36  ? 24  DG  B C4    1 
HETATM 487 C C1    . NT  C 2 .  ? 2.462   -3.292  -7.242  1.00 48.96  ? 25  NT  B C1    1 
HETATM 488 N N1    . NT  C 2 .  ? 3.375   -3.354  -6.283  1.00 47.59  ? 25  NT  B N1    1 
HETATM 489 N N2    . NT  C 2 .  ? 2.799   -3.626  -8.481  1.00 50.61  ? 25  NT  B N2    1 
HETATM 490 N N3    . NT  C 2 .  ? 1.288   -2.693  -7.029  1.00 49.09  ? 25  NT  B N3    1 
HETATM 491 C C2    . NT  C 2 .  ? 0.414   -3.095  -5.935  1.00 46.32  ? 25  NT  B C2    1 
HETATM 492 C C3    . NT  C 2 .  ? -1.002  -2.563  -6.092  1.00 44.55  ? 25  NT  B C3    1 
HETATM 493 O O1    . NT  C 2 .  ? -1.481  -2.314  -7.215  1.00 44.28  ? 25  NT  B O1    1 
HETATM 494 N N4    . NT  C 2 .  ? -1.594  -2.400  -4.888  1.00 42.23  ? 25  NT  B N4    1 
HETATM 495 C C4    . NT  C 2 .  ? -2.921  -2.116  -4.784  1.00 39.21  ? 25  NT  B C4    1 
HETATM 496 C C5    . NT  C 2 .  ? -3.638  -1.943  -3.614  1.00 38.85  ? 25  NT  B C5    1 
HETATM 497 C C6    . NT  C 2 .  ? -4.988  -1.718  -3.956  1.00 39.49  ? 25  NT  B C6    1 
HETATM 498 N N5    . NT  C 2 .  ? -5.062  -1.730  -5.353  1.00 39.07  ? 25  NT  B N5    1 
HETATM 499 C C8    . NT  C 2 .  ? -6.297  -1.494  -6.233  1.00 38.53  ? 25  NT  B C8    1 
HETATM 500 C C7    . NT  C 2 .  ? -3.865  -1.981  -5.802  1.00 39.06  ? 25  NT  B C7    1 
HETATM 501 C C9    . NT  C 2 .  ? -6.028  -1.328  -3.067  1.00 40.85  ? 25  NT  B C9    1 
HETATM 502 O O2    . NT  C 2 .  ? -7.219  -1.348  -3.410  1.00 42.01  ? 25  NT  B O2    1 
HETATM 503 N N6    . NT  C 2 .  ? -5.732  -0.629  -1.934  1.00 39.71  ? 25  NT  B N6    1 
HETATM 504 C C10   . NT  C 2 .  ? -6.614  -0.385  -0.917  1.00 37.69  ? 25  NT  B C10   1 
HETATM 505 C C11   . NT  C 2 .  ? -6.278  0.235   0.273   1.00 37.63  ? 25  NT  B C11   1 
HETATM 506 C C12   . NT  C 2 .  ? -7.386  0.163   1.125   1.00 37.78  ? 25  NT  B C12   1 
HETATM 507 N N7    . NT  C 2 .  ? -8.417  -0.492  0.415   1.00 36.36  ? 25  NT  B N7    1 
HETATM 508 C C14   . NT  C 2 .  ? -9.875  -0.629  0.801   1.00 35.67  ? 25  NT  B C14   1 
HETATM 509 C C13   . NT  C 2 .  ? -7.942  -0.810  -0.755  1.00 36.96  ? 25  NT  B C13   1 
HETATM 510 C C15   . NT  C 2 .  ? -7.438  0.772   2.409   1.00 38.65  ? 25  NT  B C15   1 
HETATM 511 O O3    . NT  C 2 .  ? -8.344  0.563   3.232   1.00 38.12  ? 25  NT  B O3    1 
HETATM 512 N N8    . NT  C 2 .  ? -6.539  1.697   2.770   1.00 38.01  ? 25  NT  B N8    1 
HETATM 513 C C16   . NT  C 2 .  ? -6.574  2.385   4.034   1.00 38.18  ? 25  NT  B C16   1 
HETATM 514 C C17   . NT  C 2 .  ? -5.845  1.642   5.106   1.00 39.14  ? 25  NT  B C17   1 
HETATM 515 C C18   . NT  C 2 .  ? -5.689  2.528   6.315   1.00 41.35  ? 25  NT  B C18   1 
HETATM 516 N N9    . NT  C 2 .  ? -6.456  2.375   7.391   1.00 43.19  ? 25  NT  B N9    1 
HETATM 517 N N10   . NT  C 2 .  ? -4.945  3.615   6.151   1.00 40.96  ? 25  NT  B N10   1 
HETATM 518 O O     . HOH D 3 .  ? 4.511   -13.458 -13.954 1.00 66.11  ? 26  HOH A O     1 
HETATM 519 O O     . HOH D 3 .  ? 0.443   18.999  -4.875  1.00 42.19  ? 27  HOH A O     1 
HETATM 520 O O     . HOH D 3 .  ? -2.152  -8.294  2.078   1.00 48.01  ? 28  HOH A O     1 
HETATM 521 O O     . HOH D 3 .  ? -3.978  -9.104  -9.083  1.00 57.13  ? 29  HOH A O     1 
HETATM 522 O O     . HOH D 3 .  ? 9.652   -11.628 -14.359 1.00 65.91  ? 30  HOH A O     1 
HETATM 523 O O     . HOH D 3 .  ? -4.706  21.239  0.466   1.00 34.38  ? 31  HOH A O     1 
HETATM 524 O O     . HOH D 3 .  ? -1.397  -9.752  -0.407  1.00 68.00  ? 33  HOH A O     1 
HETATM 525 O O     . HOH D 3 .  ? 4.337   11.045  1.392   1.00 35.84  ? 34  HOH A O     1 
HETATM 526 O O     . HOH D 3 .  ? -2.386  6.240   9.246   1.00 38.85  ? 35  HOH A O     1 
HETATM 527 O O     . HOH D 3 .  ? -3.501  -13.170 -4.899  1.00 54.52  ? 37  HOH A O     1 
HETATM 528 O O     . HOH D 3 .  ? 5.120   12.400  -0.930  1.00 117.43 ? 38  HOH A O     1 
HETATM 529 O O     . HOH D 3 .  ? 4.541   -16.514 -12.967 1.00 57.69  ? 41  HOH A O     1 
HETATM 530 O O     . HOH D 3 .  ? -0.899  -4.148  6.046   1.00 122.29 ? 47  HOH A O     1 
HETATM 531 O O     . HOH D 3 .  ? 6.163   18.664  -0.134  1.00 52.86  ? 49  HOH A O     1 
HETATM 532 O O     . HOH D 3 .  ? -0.305  -1.980  7.939   1.00 69.19  ? 50  HOH A O     1 
HETATM 533 O O     . HOH D 3 .  ? -0.465  15.017  -2.621  1.00 81.96  ? 53  HOH A O     1 
HETATM 534 O O     . HOH D 3 .  ? 4.563   6.875   13.484  1.00 76.99  ? 54  HOH A O     1 
HETATM 535 O O     . HOH D 3 .  ? 4.415   8.852   3.360   1.00 53.43  ? 55  HOH A O     1 
HETATM 536 O O     . HOH D 3 .  ? 7.541   16.868  2.031   1.00 91.79  ? 56  HOH A O     1 
HETATM 537 O O     . HOH D 3 .  ? 14.148  -7.605  -12.178 1.00 75.34  ? 58  HOH A O     1 
HETATM 538 O O     . HOH D 3 .  ? -11.068 -2.494  -1.715  1.00 53.48  ? 60  HOH A O     1 
HETATM 539 O O     . HOH D 3 .  ? 1.784   21.051  -6.783  1.00 86.65  ? 61  HOH A O     1 
HETATM 540 O O     . HOH D 3 .  ? 15.274  -10.258 -11.954 1.00 49.72  ? 65  HOH A O     1 
HETATM 541 O O     . HOH D 3 .  ? 2.611   -0.143  11.388  1.00 36.80  ? 68  HOH A O     1 
HETATM 542 O O     . HOH D 3 .  ? 5.719   -7.629  -8.022  1.00 51.82  ? 69  HOH A O     1 
HETATM 543 O O     . HOH D 3 .  ? 2.504   7.571   1.986   1.00 41.94  ? 71  HOH A O     1 
HETATM 544 O O     . HOH D 3 .  ? -3.840  -6.308  5.437   1.00 39.20  ? 75  HOH A O     1 
HETATM 545 O O     . HOH D 3 .  ? 6.146   16.116  -0.844  1.00 91.16  ? 82  HOH A O     1 
HETATM 546 O O     . HOH D 3 .  ? 2.892   -15.547 -11.029 1.00 76.10  ? 85  HOH A O     1 
HETATM 547 O O     . HOH D 3 .  ? 0.194   7.860   0.414   1.00 38.78  ? 87  HOH A O     1 
HETATM 548 O O     . HOH D 3 .  ? -5.772  -8.202  0.519   1.00 83.09  ? 91  HOH A O     1 
HETATM 549 O O     . HOH D 3 .  ? 2.288   -0.432  8.693   1.00 100.34 ? 92  HOH A O     1 
HETATM 550 O O     . HOH D 3 .  ? 9.508   10.079  10.728  1.00 59.68  ? 95  HOH A O     1 
HETATM 551 O O     . HOH D 3 .  ? 5.325   5.545   6.278   1.00 79.99  ? 98  HOH A O     1 
HETATM 552 O O     . HOH D 3 .  ? 2.073   -12.307 -13.258 1.00 79.35  ? 100 HOH A O     1 
HETATM 553 O O     . HOH D 3 .  ? -4.429  -10.195 -5.286  1.00 67.82  ? 103 HOH A O     1 
HETATM 554 O O     . HOH D 3 .  ? 8.925   7.770   9.186   1.00 76.40  ? 104 HOH A O     1 
HETATM 555 O O     . HOH D 3 .  ? -3.093  6.024   11.998  1.00 90.95  ? 106 HOH A O     1 
HETATM 556 O O     . HOH D 3 .  ? -14.401 -1.372  1.542   1.00 57.37  ? 107 HOH A O     1 
HETATM 557 O O     . HOH D 3 .  ? 1.237   -3.313  11.677  1.00 92.93  ? 110 HOH A O     1 
HETATM 558 O O     . HOH D 3 .  ? -6.087  -4.306  -9.741  1.00 81.96  ? 112 HOH A O     1 
HETATM 559 O O     . HOH E 3 .  ? 6.359   -8.758  2.206   1.00 60.83  ? 32  HOH B O     1 
HETATM 560 O O     . HOH E 3 .  ? -3.273  8.773   -1.784  1.00 69.09  ? 36  HOH B O     1 
HETATM 561 O O     . HOH E 3 .  ? 10.337  -1.050  -7.189  1.00 76.35  ? 39  HOH B O     1 
HETATM 562 O O     . HOH E 3 .  ? -9.570  13.380  3.455   1.00 66.34  ? 40  HOH B O     1 
HETATM 563 O O     . HOH E 3 .  ? -11.977 0.453   -2.680  1.00 67.89  ? 42  HOH B O     1 
HETATM 564 O O     . HOH E 3 .  ? -10.950 3.684   -5.662  1.00 56.08  ? 43  HOH B O     1 
HETATM 565 O O     . HOH E 3 .  ? -14.012 10.104  6.199   1.00 47.53  ? 44  HOH B O     1 
HETATM 566 O O     . HOH E 3 .  ? 6.276   -22.013 1.326   1.00 79.01  ? 45  HOH B O     1 
HETATM 567 O O     . HOH E 3 .  ? 4.751   4.130   -5.897  1.00 111.82 ? 46  HOH B O     1 
HETATM 568 O O     . HOH E 3 .  ? -13.814 7.309   7.539   1.00 50.99  ? 48  HOH B O     1 
HETATM 569 O O     . HOH E 3 .  ? 3.804   -19.229 -10.904 1.00 82.89  ? 51  HOH B O     1 
HETATM 570 O O     . HOH E 3 .  ? 2.515   3.861   -0.865  1.00 60.53  ? 52  HOH B O     1 
HETATM 571 O O     . HOH E 3 .  ? 5.680   -11.636 3.446   1.00 33.35  ? 57  HOH B O     1 
HETATM 572 O O     . HOH E 3 .  ? 3.858   0.775   2.509   1.00 51.68  ? 59  HOH B O     1 
HETATM 573 O O     . HOH E 3 .  ? 10.263  -11.260 4.314   1.00 58.49  ? 62  HOH B O     1 
HETATM 574 O O     . HOH E 3 .  ? 8.002   -0.647  -1.064  1.00 48.25  ? 63  HOH B O     1 
HETATM 575 O O     . HOH E 3 .  ? -8.170  19.268  5.345   1.00 40.89  ? 64  HOH B O     1 
HETATM 576 O O     . HOH E 3 .  ? -11.430 10.059  3.240   1.00 72.80  ? 66  HOH B O     1 
HETATM 577 O O     . HOH E 3 .  ? -9.728  0.493   -6.575  1.00 59.72  ? 67  HOH B O     1 
HETATM 578 O O     . HOH E 3 .  ? -9.427  16.100  9.269   1.00 37.75  ? 70  HOH B O     1 
HETATM 579 O O     . HOH E 3 .  ? -5.656  2.359   11.207  1.00 49.57  ? 72  HOH B O     1 
HETATM 580 O O     . HOH E 3 .  ? 2.600   -20.436 2.416   1.00 40.42  ? 73  HOH B O     1 
HETATM 581 O O     . HOH E 3 .  ? 0.217   -15.100 -3.358  1.00 54.39  ? 74  HOH B O     1 
HETATM 582 O O     . HOH E 3 .  ? 12.778  -1.720  -6.445  1.00 84.02  ? 76  HOH B O     1 
HETATM 583 O O     . HOH E 3 .  ? -12.290 3.584   8.232   1.00 80.41  ? 77  HOH B O     1 
HETATM 584 O O     . HOH E 3 .  ? 6.217   2.769   -3.944  1.00 105.43 ? 78  HOH B O     1 
HETATM 585 O O     . HOH E 3 .  ? 10.551  -3.856  2.492   1.00 48.58  ? 79  HOH B O     1 
HETATM 586 O O     . HOH E 3 .  ? 8.153   1.825   -2.113  1.00 34.89  ? 80  HOH B O     1 
HETATM 587 O O     . HOH E 3 .  ? 13.420  -5.611  2.668   1.00 44.69  ? 81  HOH B O     1 
HETATM 588 O O     . HOH E 3 .  ? -9.357  16.454  6.296   1.00 60.42  ? 83  HOH B O     1 
HETATM 589 O O     . HOH E 3 .  ? -3.987  2.929   9.252   1.00 42.63  ? 84  HOH B O     1 
HETATM 590 O O     . HOH E 3 .  ? 14.750  -8.262  1.172   1.00 46.98  ? 86  HOH B O     1 
HETATM 591 O O     . HOH E 3 .  ? -8.839  3.510   9.521   1.00 113.86 ? 88  HOH B O     1 
HETATM 592 O O     . HOH E 3 .  ? -5.487  5.151   9.369   1.00 55.60  ? 89  HOH B O     1 
HETATM 593 O O     . HOH E 3 .  ? 12.689  -13.781 2.987   1.00 71.01  ? 90  HOH B O     1 
HETATM 594 O O     . HOH E 3 .  ? -5.169  5.912   -4.564  1.00 58.36  ? 93  HOH B O     1 
HETATM 595 O O     . HOH E 3 .  ? 0.344   -21.569 1.488   1.00 59.42  ? 94  HOH B O     1 
HETATM 596 O O     . HOH E 3 .  ? 11.395  1.209   -2.773  1.00 56.60  ? 96  HOH B O     1 
HETATM 597 O O     . HOH E 3 .  ? -9.433  0.205   5.564   1.00 106.45 ? 97  HOH B O     1 
HETATM 598 O O     . HOH E 3 .  ? 12.977  -10.946 4.514   1.00 60.19  ? 99  HOH B O     1 
HETATM 599 O O     . HOH E 3 .  ? -3.242  17.397  17.232  1.00 59.97  ? 101 HOH B O     1 
HETATM 600 O O     . HOH E 3 .  ? -12.341 0.685   9.457   1.00 68.32  ? 102 HOH B O     1 
HETATM 601 O O     . HOH E 3 .  ? -4.942  13.033  -0.401  1.00 60.71  ? 105 HOH B O     1 
HETATM 602 O O     . HOH E 3 .  ? 2.909   -25.235 -2.248  1.00 72.64  ? 108 HOH B O     1 
HETATM 603 O O     . HOH E 3 .  ? -0.565  1.102   -11.627 1.00 72.57  ? 109 HOH B O     1 
HETATM 604 O O     . HOH E 3 .  ? 17.274  -7.702  2.337   1.00 86.13  ? 111 HOH B O     1 
# 
